data_6NBM
#
_entry.id   6NBM
#
_cell.length_a   116.770
_cell.length_b   116.770
_cell.length_c   142.770
_cell.angle_alpha   90.00
_cell.angle_beta   90.00
_cell.angle_gamma   90.00
#
_symmetry.space_group_name_H-M   'P 42 21 2'
#
loop_
_entity.id
_entity.type
_entity.pdbx_description
1 polymer Enolase
2 non-polymer 'MAGNESIUM ION'
3 non-polymer 'PHOSPHATE ION'
4 water water
#
_entity_poly.entity_id   1
_entity_poly.type   'polypeptide(L)'
_entity_poly.pdbx_seq_one_letter_code
;MAHHHHHHMHIHKIQAREILDSRGNPTIEADVTLTTGIIGRASVPSGASTGSREACELRDNDPKRYAGKGVQKAVKHVNN
EINQALQGLSVEDQENLDRILCQLDNTENKSHLGANAILATSLACARARALSLNQPLYMTLNQGDMMTMPVPMMNILNGG
AHADNNVDIQEFMIMPIGAPDFPVALQMGTEIFHVLKSVLKKQGLNTAVGDEGGFAPNIQSNRQALDLLSEAIEKAGFRL
GEDIVFALDVAASELFNEGFYHMYSENQKFDSHQLIEYYANLISSYPIVSIEDGLDEKDWSGWKQLTTHLGNKVQLVGDD
LFVTNPKILREGIAQGIANAILIKVNQIGTLSETRQAIKLAYDNGYRCVMSHRSGETEDTFIADLAVASGCGQIKTGSLC
RTDRTAKYNQLLRINELASLPYAGKNILKR
;
_entity_poly.pdbx_strand_id   A,B
#
loop_
_chem_comp.id
_chem_comp.type
_chem_comp.name
_chem_comp.formula
MG non-polymer 'MAGNESIUM ION' 'Mg 2'
PO4 non-polymer 'PHOSPHATE ION' 'O4 P -3'
#
# COMPACT_ATOMS: atom_id res chain seq x y z
N HIS A 6 -10.60 -35.78 -9.47
CA HIS A 6 -10.41 -34.65 -8.57
C HIS A 6 -8.95 -34.55 -8.11
N HIS A 7 -8.09 -35.40 -8.69
CA HIS A 7 -6.68 -35.46 -8.32
C HIS A 7 -6.00 -34.09 -8.36
N HIS A 8 -6.51 -33.16 -9.16
CA HIS A 8 -5.87 -31.87 -9.36
C HIS A 8 -6.00 -30.93 -8.16
N MET A 9 -6.78 -31.31 -7.14
CA MET A 9 -7.01 -30.43 -6.00
C MET A 9 -6.25 -30.86 -4.75
N HIS A 10 -5.29 -31.78 -4.85
CA HIS A 10 -4.63 -32.32 -3.67
C HIS A 10 -3.38 -31.53 -3.32
N ILE A 11 -3.16 -31.37 -2.02
CA ILE A 11 -2.09 -30.52 -1.51
C ILE A 11 -0.77 -31.28 -1.55
N HIS A 12 0.23 -30.66 -2.18
CA HIS A 12 1.60 -31.17 -2.18
C HIS A 12 2.40 -30.65 -0.99
N LYS A 13 2.27 -29.37 -0.66
CA LYS A 13 3.14 -28.78 0.35
C LYS A 13 2.55 -27.44 0.76
N ILE A 14 2.74 -27.09 2.02
CA ILE A 14 2.38 -25.77 2.54
C ILE A 14 3.61 -25.18 3.20
N GLN A 15 3.86 -23.89 2.95
CA GLN A 15 5.00 -23.19 3.50
C GLN A 15 4.56 -21.77 3.83
N ALA A 16 5.34 -21.11 4.67
CA ALA A 16 5.01 -19.75 5.07
C ALA A 16 6.26 -18.90 5.03
N ARG A 17 6.05 -17.58 5.07
CA ARG A 17 7.15 -16.65 5.14
C ARG A 17 6.69 -15.46 5.96
N GLU A 18 7.66 -14.75 6.51
CA GLU A 18 7.45 -13.49 7.21
C GLU A 18 7.54 -12.37 6.20
N ILE A 19 6.51 -11.51 6.14
CA ILE A 19 6.52 -10.29 5.32
C ILE A 19 6.18 -9.10 6.20
N LEU A 20 6.21 -7.90 5.61
CA LEU A 20 5.86 -6.68 6.32
C LEU A 20 4.44 -6.26 6.00
N ASP A 21 3.68 -5.87 7.05
CA ASP A 21 2.36 -5.28 6.85
C ASP A 21 2.52 -3.79 6.58
N SER A 22 1.38 -3.10 6.40
CA SER A 22 1.41 -1.72 5.96
C SER A 22 1.85 -0.76 7.04
N ARG A 23 1.95 -1.22 8.29
CA ARG A 23 2.54 -0.40 9.35
C ARG A 23 4.03 -0.66 9.51
N GLY A 24 4.58 -1.63 8.78
CA GLY A 24 5.95 -2.03 8.99
C GLY A 24 6.13 -3.09 10.05
N ASN A 25 5.09 -3.84 10.40
CA ASN A 25 5.30 -4.93 11.35
C ASN A 25 5.22 -6.28 10.65
N PRO A 26 6.00 -7.28 11.10
CA PRO A 26 5.95 -8.60 10.45
C PRO A 26 4.56 -9.18 10.44
N THR A 27 4.26 -9.95 9.40
CA THR A 27 3.07 -10.79 9.39
C THR A 27 3.34 -12.00 8.49
N ILE A 28 2.40 -12.93 8.47
CA ILE A 28 2.60 -14.23 7.85
C ILE A 28 1.92 -14.26 6.49
N GLU A 29 2.56 -14.92 5.54
CA GLU A 29 2.03 -15.22 4.22
C GLU A 29 2.29 -16.69 3.95
N ALA A 30 1.31 -17.38 3.38
CA ALA A 30 1.42 -18.82 3.12
C ALA A 30 1.24 -19.12 1.64
N ASP A 31 1.98 -20.13 1.17
CA ASP A 31 1.82 -20.70 -0.17
C ASP A 31 1.36 -22.14 -0.01
N VAL A 32 0.23 -22.47 -0.61
CA VAL A 32 -0.26 -23.85 -0.67
C VAL A 32 -0.02 -24.34 -2.09
N THR A 33 0.81 -25.38 -2.22
CA THR A 33 1.19 -25.92 -3.53
C THR A 33 0.47 -27.24 -3.75
N LEU A 34 -0.33 -27.29 -4.80
CA LEU A 34 -1.06 -28.49 -5.16
C LEU A 34 -0.18 -29.42 -5.99
N THR A 35 -0.61 -30.68 -6.11
CA THR A 35 0.17 -31.64 -6.91
C THR A 35 0.29 -31.20 -8.36
N THR A 36 -0.62 -30.37 -8.83
CA THR A 36 -0.58 -29.81 -10.18
C THR A 36 0.46 -28.71 -10.35
N GLY A 37 1.08 -28.25 -9.25
CA GLY A 37 1.97 -27.13 -9.31
C GLY A 37 1.31 -25.78 -9.10
N ILE A 38 -0.03 -25.74 -9.05
CA ILE A 38 -0.73 -24.50 -8.75
C ILE A 38 -0.36 -24.06 -7.33
N ILE A 39 -0.17 -22.75 -7.16
CA ILE A 39 0.15 -22.20 -5.85
C ILE A 39 -0.94 -21.20 -5.47
N GLY A 40 -1.59 -21.44 -4.33
CA GLY A 40 -2.43 -20.44 -3.70
C GLY A 40 -1.65 -19.69 -2.66
N ARG A 41 -1.76 -18.37 -2.67
CA ARG A 41 -1.02 -17.51 -1.75
C ARG A 41 -1.98 -16.58 -1.02
N ALA A 42 -1.70 -16.35 0.27
CA ALA A 42 -2.51 -15.41 1.05
C ALA A 42 -1.69 -14.90 2.23
N SER A 43 -1.94 -13.66 2.63
CA SER A 43 -1.28 -13.12 3.81
C SER A 43 -2.33 -12.55 4.76
N VAL A 44 -1.91 -12.26 5.99
CA VAL A 44 -2.80 -12.04 7.11
C VAL A 44 -2.65 -10.62 7.60
N PRO A 45 -3.75 -9.87 7.80
CA PRO A 45 -3.66 -8.51 8.35
C PRO A 45 -3.53 -8.54 9.87
N SER A 46 -3.38 -7.36 10.46
CA SER A 46 -3.18 -7.24 11.89
C SER A 46 -3.82 -5.95 12.39
N GLY A 47 -4.63 -6.04 13.45
CA GLY A 47 -5.26 -4.85 13.98
C GLY A 47 -4.39 -4.13 15.00
N ALA A 48 -4.75 -2.87 15.24
CA ALA A 48 -4.20 -2.08 16.34
C ALA A 48 -5.15 -2.03 17.52
N SER A 49 -6.40 -1.61 17.31
CA SER A 49 -7.43 -1.64 18.35
C SER A 49 -8.10 -3.03 18.33
N THR A 50 -7.43 -3.98 18.95
CA THR A 50 -7.86 -5.38 18.89
C THR A 50 -8.78 -5.70 20.07
N GLY A 51 -9.91 -6.35 19.77
CA GLY A 51 -10.81 -6.75 20.83
C GLY A 51 -10.18 -7.80 21.73
N SER A 52 -10.64 -7.84 22.98
CA SER A 52 -10.02 -8.72 23.96
C SER A 52 -10.27 -10.20 23.65
N ARG A 53 -11.30 -10.51 22.86
CA ARG A 53 -11.64 -11.89 22.56
C ARG A 53 -11.31 -12.27 21.12
N GLU A 54 -10.50 -11.46 20.43
CA GLU A 54 -9.99 -11.89 19.12
C GLU A 54 -9.15 -13.16 19.28
N ALA A 55 -9.15 -13.98 18.24
CA ALA A 55 -8.31 -15.16 18.25
C ALA A 55 -6.83 -14.76 18.31
N CYS A 56 -6.00 -15.70 18.76
CA CYS A 56 -4.62 -15.38 19.12
C CYS A 56 -3.78 -15.04 17.89
N GLU A 57 -3.27 -13.82 17.86
CA GLU A 57 -2.26 -13.42 16.88
C GLU A 57 -0.90 -13.76 17.47
N LEU A 58 -0.32 -14.88 17.03
CA LEU A 58 0.89 -15.39 17.65
C LEU A 58 2.10 -14.57 17.19
N ARG A 59 2.79 -13.95 18.15
CA ARG A 59 4.03 -13.24 17.86
C ARG A 59 5.18 -13.87 18.63
N ASP A 60 6.39 -13.56 18.16
CA ASP A 60 7.58 -14.18 18.71
C ASP A 60 7.97 -13.61 20.07
N ASN A 61 7.73 -12.31 20.29
CA ASN A 61 8.07 -11.64 21.53
C ASN A 61 9.57 -11.67 21.81
N ASP A 62 10.38 -11.60 20.75
CA ASP A 62 11.82 -11.44 20.89
C ASP A 62 12.13 -9.95 20.85
N PRO A 63 12.54 -9.33 21.95
CA PRO A 63 12.75 -7.88 21.94
C PRO A 63 13.93 -7.43 21.10
N LYS A 64 14.82 -8.34 20.70
CA LYS A 64 15.92 -8.01 19.82
C LYS A 64 15.56 -8.10 18.35
N ARG A 65 14.31 -8.43 18.03
CA ARG A 65 13.91 -8.67 16.65
C ARG A 65 12.54 -8.05 16.39
N TYR A 66 12.51 -7.03 15.55
CA TYR A 66 11.25 -6.36 15.17
C TYR A 66 10.45 -5.93 16.41
N ALA A 67 11.16 -5.48 17.45
CA ALA A 67 10.54 -5.01 18.70
C ALA A 67 9.56 -6.04 19.25
N GLY A 68 9.92 -7.31 19.13
CA GLY A 68 9.12 -8.41 19.64
C GLY A 68 7.97 -8.84 18.76
N LYS A 69 7.83 -8.28 17.55
CA LYS A 69 6.66 -8.55 16.72
C LYS A 69 6.95 -9.50 15.55
N GLY A 70 8.07 -10.22 15.59
CA GLY A 70 8.29 -11.27 14.60
C GLY A 70 7.20 -12.33 14.65
N VAL A 71 7.06 -13.07 13.54
CA VAL A 71 6.05 -14.12 13.46
C VAL A 71 6.68 -15.41 12.97
N GLN A 72 7.96 -15.64 13.30
CA GLN A 72 8.62 -16.87 12.87
CA GLN A 72 8.63 -16.87 12.89
C GLN A 72 8.03 -18.09 13.56
N LYS A 73 7.53 -17.95 14.79
CA LYS A 73 6.86 -19.09 15.41
C LYS A 73 5.65 -19.52 14.59
N ALA A 74 4.86 -18.56 14.11
CA ALA A 74 3.70 -18.90 13.31
C ALA A 74 4.12 -19.49 11.97
N VAL A 75 5.16 -18.94 11.35
CA VAL A 75 5.65 -19.47 10.08
C VAL A 75 6.08 -20.93 10.25
N LYS A 76 6.81 -21.23 11.31
CA LYS A 76 7.25 -22.60 11.56
C LYS A 76 6.06 -23.54 11.79
N HIS A 77 4.99 -23.05 12.42
CA HIS A 77 3.81 -23.90 12.58
C HIS A 77 3.17 -24.24 11.24
N VAL A 78 3.23 -23.33 10.28
CA VAL A 78 2.78 -23.66 8.93
C VAL A 78 3.73 -24.65 8.27
N ASN A 79 5.04 -24.39 8.38
CA ASN A 79 6.04 -25.21 7.70
C ASN A 79 6.05 -26.63 8.22
N ASN A 80 5.76 -26.81 9.51
CA ASN A 80 5.92 -28.12 10.14
C ASN A 80 4.55 -28.75 10.41
N GLU A 81 3.92 -28.36 11.53
CA GLU A 81 2.70 -29.05 11.97
C GLU A 81 1.62 -29.01 10.91
N ILE A 82 1.35 -27.83 10.34
CA ILE A 82 0.24 -27.67 9.41
C ILE A 82 0.54 -28.37 8.09
N ASN A 83 1.75 -28.20 7.57
CA ASN A 83 2.11 -28.90 6.35
C ASN A 83 1.97 -30.41 6.53
N GLN A 84 2.52 -30.95 7.62
CA GLN A 84 2.48 -32.40 7.82
C GLN A 84 1.04 -32.88 8.00
N ALA A 85 0.21 -32.08 8.67
CA ALA A 85 -1.17 -32.50 8.89
C ALA A 85 -2.01 -32.47 7.62
N LEU A 86 -1.64 -31.63 6.64
CA LEU A 86 -2.47 -31.42 5.47
C LEU A 86 -1.92 -32.04 4.19
N GLN A 87 -0.70 -32.59 4.23
CA GLN A 87 -0.13 -33.19 3.02
C GLN A 87 -1.07 -34.23 2.45
N GLY A 88 -1.40 -34.08 1.16
CA GLY A 88 -2.23 -35.05 0.46
C GLY A 88 -3.72 -34.83 0.54
N LEU A 89 -4.20 -33.93 1.40
CA LEU A 89 -5.62 -33.63 1.47
C LEU A 89 -6.02 -32.69 0.33
N SER A 90 -7.33 -32.59 0.10
CA SER A 90 -7.86 -31.81 -1.02
C SER A 90 -8.34 -30.45 -0.55
N VAL A 91 -8.06 -29.41 -1.36
CA VAL A 91 -8.61 -28.08 -1.08
C VAL A 91 -10.02 -27.92 -1.60
N GLU A 92 -10.60 -28.97 -2.19
CA GLU A 92 -11.97 -28.86 -2.69
C GLU A 92 -12.95 -28.52 -1.56
N ASP A 93 -12.70 -29.04 -0.36
CA ASP A 93 -13.63 -28.96 0.76
C ASP A 93 -13.05 -28.00 1.80
N GLN A 94 -13.43 -26.73 1.69
CA GLN A 94 -12.92 -25.71 2.62
C GLN A 94 -13.25 -26.06 4.07
N GLU A 95 -14.49 -26.49 4.32
CA GLU A 95 -14.88 -26.79 5.70
C GLU A 95 -14.00 -27.88 6.30
N ASN A 96 -13.64 -28.89 5.52
CA ASN A 96 -12.86 -30.00 6.05
C ASN A 96 -11.46 -29.56 6.45
N LEU A 97 -10.77 -28.84 5.55
CA LEU A 97 -9.46 -28.31 5.87
C LEU A 97 -9.52 -27.40 7.10
N ASP A 98 -10.51 -26.51 7.14
CA ASP A 98 -10.61 -25.61 8.29
C ASP A 98 -10.91 -26.38 9.56
N ARG A 99 -11.75 -27.41 9.48
CA ARG A 99 -11.97 -28.27 10.63
CA ARG A 99 -11.97 -28.27 10.63
C ARG A 99 -10.67 -28.93 11.08
N ILE A 100 -9.89 -29.43 10.12
CA ILE A 100 -8.65 -30.11 10.46
C ILE A 100 -7.67 -29.15 11.12
N LEU A 101 -7.56 -27.92 10.60
CA LEU A 101 -6.69 -26.93 11.20
C LEU A 101 -7.11 -26.61 12.63
N CYS A 102 -8.42 -26.46 12.86
CA CYS A 102 -8.88 -26.14 14.22
C CYS A 102 -8.62 -27.31 15.17
N GLN A 103 -8.79 -28.53 14.70
CA GLN A 103 -8.56 -29.69 15.57
C GLN A 103 -7.07 -29.87 15.85
N LEU A 104 -6.22 -29.60 14.85
CA LEU A 104 -4.77 -29.65 15.07
C LEU A 104 -4.33 -28.68 16.15
N ASP A 105 -4.90 -27.48 16.17
CA ASP A 105 -4.54 -26.50 17.21
C ASP A 105 -5.09 -26.90 18.56
N ASN A 106 -6.35 -27.33 18.59
CA ASN A 106 -6.99 -27.91 19.78
C ASN A 106 -7.02 -26.95 20.96
N THR A 107 -7.11 -25.63 20.70
CA THR A 107 -7.35 -24.66 21.75
C THR A 107 -8.51 -23.76 21.35
N GLU A 108 -9.12 -23.12 22.34
CA GLU A 108 -10.34 -22.35 22.09
C GLU A 108 -10.04 -21.11 21.23
N ASN A 109 -8.91 -20.43 21.46
CA ASN A 109 -8.59 -19.18 20.76
CA ASN A 109 -8.60 -19.19 20.76
C ASN A 109 -7.38 -19.33 19.85
N LYS A 110 -7.11 -20.55 19.38
CA LYS A 110 -6.04 -20.84 18.42
C LYS A 110 -4.68 -20.37 18.93
N SER A 111 -4.41 -20.60 20.21
CA SER A 111 -3.21 -20.11 20.88
C SER A 111 -2.03 -21.07 20.73
N HIS A 112 -2.22 -22.23 20.13
CA HIS A 112 -1.12 -23.17 19.96
C HIS A 112 -0.42 -22.94 18.62
N LEU A 113 -1.16 -23.06 17.51
CA LEU A 113 -0.58 -22.78 16.21
C LEU A 113 -0.56 -21.28 15.90
N GLY A 114 -1.52 -20.54 16.44
CA GLY A 114 -1.68 -19.14 16.09
C GLY A 114 -2.78 -18.95 15.07
N ALA A 115 -3.70 -18.02 15.34
CA ALA A 115 -4.76 -17.75 14.37
C ALA A 115 -4.19 -17.24 13.06
N ASN A 116 -3.05 -16.54 13.10
CA ASN A 116 -2.46 -16.04 11.86
C ASN A 116 -1.89 -17.18 11.02
N ALA A 117 -1.20 -18.13 11.66
CA ALA A 117 -0.74 -19.31 10.92
C ALA A 117 -1.92 -20.07 10.32
N ILE A 118 -2.99 -20.25 11.11
CA ILE A 118 -4.14 -21.01 10.63
C ILE A 118 -4.85 -20.25 9.51
N LEU A 119 -5.03 -18.93 9.69
CA LEU A 119 -5.74 -18.15 8.69
C LEU A 119 -4.97 -18.08 7.38
N ALA A 120 -3.65 -17.88 7.45
CA ALA A 120 -2.85 -17.87 6.24
C ALA A 120 -3.08 -19.13 5.43
N THR A 121 -3.12 -20.28 6.11
CA THR A 121 -3.37 -21.54 5.42
C THR A 121 -4.79 -21.62 4.89
N SER A 122 -5.77 -21.22 5.72
CA SER A 122 -7.17 -21.28 5.30
C SER A 122 -7.39 -20.50 4.01
N LEU A 123 -6.88 -19.27 3.95
CA LEU A 123 -7.11 -18.42 2.79
C LEU A 123 -6.28 -18.87 1.59
N ALA A 124 -5.04 -19.30 1.83
CA ALA A 124 -4.22 -19.82 0.74
C ALA A 124 -4.87 -21.05 0.11
N CYS A 125 -5.48 -21.91 0.92
CA CYS A 125 -6.20 -23.05 0.37
C CYS A 125 -7.37 -22.60 -0.49
N ALA A 126 -8.10 -21.58 -0.03
CA ALA A 126 -9.22 -21.05 -0.82
C ALA A 126 -8.74 -20.52 -2.17
N ARG A 127 -7.57 -19.88 -2.22
CA ARG A 127 -7.04 -19.41 -3.50
C ARG A 127 -6.61 -20.57 -4.39
N ALA A 128 -5.92 -21.57 -3.82
CA ALA A 128 -5.53 -22.73 -4.63
C ALA A 128 -6.76 -23.44 -5.19
N ARG A 129 -7.87 -23.43 -4.46
CA ARG A 129 -9.10 -24.03 -4.96
C ARG A 129 -9.66 -23.24 -6.14
N ALA A 130 -9.71 -21.90 -6.02
CA ALA A 130 -10.20 -21.09 -7.13
C ALA A 130 -9.36 -21.29 -8.37
N LEU A 131 -8.03 -21.30 -8.22
CA LEU A 131 -7.15 -21.47 -9.37
C LEU A 131 -7.38 -22.83 -10.02
N SER A 132 -7.62 -23.87 -9.22
CA SER A 132 -7.87 -25.19 -9.77
C SER A 132 -9.18 -25.25 -10.55
N LEU A 133 -10.17 -24.43 -10.15
CA LEU A 133 -11.43 -24.37 -10.87
C LEU A 133 -11.38 -23.43 -12.07
N ASN A 134 -10.27 -22.72 -12.27
CA ASN A 134 -10.14 -21.68 -13.29
C ASN A 134 -11.34 -20.73 -13.26
N GLN A 135 -11.59 -20.19 -12.06
CA GLN A 135 -12.66 -19.24 -11.83
C GLN A 135 -12.15 -18.11 -10.96
N PRO A 136 -12.64 -16.89 -11.17
CA PRO A 136 -12.25 -15.78 -10.27
C PRO A 136 -12.59 -16.13 -8.83
N LEU A 137 -11.77 -15.61 -7.91
CA LEU A 137 -11.90 -15.98 -6.50
C LEU A 137 -13.32 -15.74 -5.97
N TYR A 138 -13.87 -14.55 -6.21
CA TYR A 138 -15.19 -14.24 -5.67
C TYR A 138 -16.24 -15.25 -6.14
N MET A 139 -16.12 -15.73 -7.38
CA MET A 139 -17.04 -16.75 -7.86
C MET A 139 -16.98 -18.00 -6.99
N THR A 140 -15.77 -18.48 -6.71
CA THR A 140 -15.62 -19.72 -5.96
C THR A 140 -15.92 -19.55 -4.48
N LEU A 141 -16.08 -18.31 -3.99
CA LEU A 141 -16.41 -18.09 -2.59
C LEU A 141 -17.89 -17.98 -2.33
N ASN A 142 -18.70 -17.76 -3.37
CA ASN A 142 -20.14 -17.54 -3.16
C ASN A 142 -20.77 -18.81 -2.60
N GLN A 143 -21.71 -18.64 -1.69
CA GLN A 143 -22.39 -19.76 -1.06
C GLN A 143 -23.90 -19.62 -1.20
N GLY A 144 -24.36 -19.06 -2.32
CA GLY A 144 -25.77 -18.97 -2.62
C GLY A 144 -26.36 -17.57 -2.49
N ASP A 145 -25.70 -16.67 -1.78
CA ASP A 145 -26.23 -15.33 -1.64
C ASP A 145 -26.17 -14.57 -2.96
N MET A 146 -27.08 -13.62 -3.12
CA MET A 146 -27.05 -12.74 -4.28
CA MET A 146 -27.05 -12.73 -4.28
C MET A 146 -25.87 -11.79 -4.16
N MET A 147 -24.99 -11.79 -5.16
CA MET A 147 -23.79 -10.98 -5.07
C MET A 147 -24.06 -9.56 -5.54
N THR A 148 -23.42 -8.60 -4.87
CA THR A 148 -23.51 -7.19 -5.24
C THR A 148 -22.13 -6.58 -5.09
N MET A 149 -21.91 -5.49 -5.82
CA MET A 149 -20.76 -4.65 -5.53
C MET A 149 -21.06 -3.81 -4.29
N PRO A 150 -20.21 -3.86 -3.27
CA PRO A 150 -20.56 -3.22 -2.00
C PRO A 150 -20.38 -1.71 -2.04
N VAL A 151 -21.18 -1.03 -1.21
CA VAL A 151 -20.96 0.38 -0.90
C VAL A 151 -19.75 0.47 0.02
N PRO A 152 -18.72 1.25 -0.32
CA PRO A 152 -17.60 1.43 0.60
C PRO A 152 -17.86 2.53 1.62
N MET A 153 -17.47 2.26 2.86
CA MET A 153 -17.35 3.32 3.86
C MET A 153 -15.87 3.63 3.97
N MET A 154 -15.51 4.88 3.69
CA MET A 154 -14.15 5.31 3.36
C MET A 154 -13.61 6.20 4.48
N ASN A 155 -12.61 5.72 5.20
CA ASN A 155 -12.11 6.34 6.43
C ASN A 155 -11.11 7.43 6.06
N ILE A 156 -11.59 8.65 5.84
CA ILE A 156 -10.73 9.68 5.27
C ILE A 156 -10.18 10.64 6.32
N LEU A 157 -10.57 10.48 7.59
CA LEU A 157 -9.96 11.25 8.68
C LEU A 157 -9.72 10.28 9.83
N ASN A 158 -8.46 9.98 10.11
CA ASN A 158 -8.09 8.92 11.04
C ASN A 158 -7.81 9.48 12.43
N GLY A 159 -8.15 8.69 13.45
CA GLY A 159 -7.87 9.04 14.83
C GLY A 159 -7.66 7.82 15.71
N GLY A 160 -7.84 8.01 17.02
CA GLY A 160 -7.71 6.90 17.96
C GLY A 160 -6.38 6.18 17.82
N ALA A 161 -6.45 4.85 17.80
CA ALA A 161 -5.25 4.02 17.79
C ALA A 161 -4.51 4.05 16.46
N HIS A 162 -5.04 4.72 15.45
CA HIS A 162 -4.47 4.71 14.10
C HIS A 162 -3.66 5.95 13.78
N ALA A 163 -3.59 6.93 14.69
CA ALA A 163 -2.80 8.11 14.43
C ALA A 163 -2.44 8.76 15.76
N ASP A 164 -1.38 9.55 15.76
CA ASP A 164 -0.94 10.20 16.99
C ASP A 164 -1.50 11.61 17.13
N ASN A 165 -2.63 11.90 16.51
CA ASN A 165 -3.32 13.18 16.70
C ASN A 165 -4.16 13.12 17.99
N ASN A 166 -4.91 14.18 18.27
CA ASN A 166 -5.74 14.20 19.48
C ASN A 166 -7.11 13.58 19.28
N VAL A 167 -7.36 12.97 18.13
CA VAL A 167 -8.70 12.54 17.75
C VAL A 167 -9.05 11.26 18.49
N ASP A 168 -10.16 11.28 19.21
CA ASP A 168 -10.57 10.10 20.00
C ASP A 168 -11.29 9.08 19.13
N ILE A 169 -12.28 9.53 18.35
CA ILE A 169 -12.98 8.61 17.46
C ILE A 169 -11.98 8.03 16.47
N GLN A 170 -12.04 6.72 16.28
CA GLN A 170 -11.00 6.08 15.49
C GLN A 170 -11.15 6.40 14.00
N GLU A 171 -12.39 6.46 13.50
CA GLU A 171 -12.61 6.48 12.05
C GLU A 171 -13.79 7.38 11.69
N PHE A 172 -13.56 8.34 10.80
CA PHE A 172 -14.61 9.17 10.25
C PHE A 172 -14.75 8.79 8.78
N MET A 173 -15.89 8.23 8.40
CA MET A 173 -16.04 7.62 7.08
C MET A 173 -17.14 8.29 6.28
N ILE A 174 -16.93 8.36 4.97
CA ILE A 174 -17.97 8.74 4.02
C ILE A 174 -18.40 7.50 3.27
N MET A 175 -19.68 7.45 2.89
CA MET A 175 -20.24 6.35 2.10
C MET A 175 -20.98 6.95 0.92
N PRO A 176 -20.55 6.68 -0.33
CA PRO A 176 -21.21 7.21 -1.55
C PRO A 176 -22.43 6.38 -1.91
N ILE A 177 -23.44 6.45 -1.04
CA ILE A 177 -24.62 5.62 -1.17
C ILE A 177 -25.42 5.98 -2.42
N GLY A 178 -25.32 7.24 -2.88
CA GLY A 178 -26.09 7.65 -4.04
C GLY A 178 -25.46 7.37 -5.40
N ALA A 179 -24.34 6.68 -5.44
CA ALA A 179 -23.68 6.49 -6.72
C ALA A 179 -24.41 5.44 -7.55
N PRO A 180 -24.37 5.55 -8.88
CA PRO A 180 -25.10 4.61 -9.74
C PRO A 180 -24.42 3.25 -9.88
N ASP A 181 -23.09 3.20 -9.74
CA ASP A 181 -22.35 1.95 -9.83
C ASP A 181 -21.09 2.08 -8.99
N PHE A 182 -20.29 1.01 -8.92
CA PHE A 182 -19.14 1.08 -8.02
C PHE A 182 -18.01 1.99 -8.54
N PRO A 183 -17.62 1.94 -9.82
CA PRO A 183 -16.56 2.89 -10.25
C PRO A 183 -16.90 4.35 -9.95
N VAL A 184 -18.16 4.74 -10.12
CA VAL A 184 -18.53 6.12 -9.81
C VAL A 184 -18.52 6.36 -8.31
N ALA A 185 -18.87 5.34 -7.52
CA ALA A 185 -18.80 5.50 -6.07
C ALA A 185 -17.35 5.72 -5.63
N LEU A 186 -16.41 4.99 -6.24
CA LEU A 186 -15.00 5.19 -5.92
C LEU A 186 -14.53 6.56 -6.35
N GLN A 187 -14.97 7.02 -7.53
CA GLN A 187 -14.63 8.36 -7.99
C GLN A 187 -15.15 9.43 -7.03
N MET A 188 -16.39 9.28 -6.57
CA MET A 188 -16.97 10.25 -5.64
C MET A 188 -16.15 10.35 -4.38
N GLY A 189 -15.83 9.21 -3.77
CA GLY A 189 -15.05 9.23 -2.53
C GLY A 189 -13.68 9.82 -2.73
N THR A 190 -13.02 9.49 -3.84
CA THR A 190 -11.69 9.99 -4.12
C THR A 190 -11.71 11.50 -4.31
N GLU A 191 -12.68 12.01 -5.06
CA GLU A 191 -12.76 13.45 -5.29
C GLU A 191 -12.94 14.20 -3.98
N ILE A 192 -13.78 13.67 -3.08
CA ILE A 192 -14.00 14.30 -1.79
C ILE A 192 -12.72 14.24 -0.95
N PHE A 193 -12.03 13.11 -1.00
CA PHE A 193 -10.76 12.96 -0.29
C PHE A 193 -9.77 14.06 -0.69
N HIS A 194 -9.61 14.28 -2.00
CA HIS A 194 -8.66 15.30 -2.44
C HIS A 194 -9.13 16.69 -2.05
N VAL A 195 -10.44 16.96 -2.16
CA VAL A 195 -10.93 18.27 -1.72
C VAL A 195 -10.71 18.44 -0.23
N LEU A 196 -10.95 17.38 0.56
CA LEU A 196 -10.74 17.49 2.00
C LEU A 196 -9.30 17.85 2.32
N LYS A 197 -8.35 17.32 1.56
CA LYS A 197 -6.97 17.73 1.74
C LYS A 197 -6.82 19.24 1.57
N SER A 198 -7.47 19.82 0.56
CA SER A 198 -7.38 21.26 0.38
CA SER A 198 -7.38 21.26 0.38
C SER A 198 -8.06 22.00 1.53
N VAL A 199 -9.20 21.49 1.99
CA VAL A 199 -9.92 22.10 3.11
C VAL A 199 -9.03 22.14 4.35
N LEU A 200 -8.40 21.03 4.69
CA LEU A 200 -7.51 21.00 5.84
C LEU A 200 -6.31 21.90 5.63
N LYS A 201 -5.68 21.82 4.45
CA LYS A 201 -4.47 22.60 4.21
C LYS A 201 -4.77 24.09 4.33
N LYS A 202 -5.95 24.52 3.90
CA LYS A 202 -6.30 25.93 3.99
C LYS A 202 -6.53 26.38 5.43
N GLN A 203 -6.91 25.47 6.31
CA GLN A 203 -7.07 25.81 7.72
C GLN A 203 -5.84 25.51 8.55
N GLY A 204 -4.70 25.23 7.90
CA GLY A 204 -3.48 24.93 8.62
C GLY A 204 -3.49 23.64 9.42
N LEU A 205 -4.32 22.67 9.03
CA LEU A 205 -4.38 21.39 9.73
C LEU A 205 -3.60 20.32 8.97
N ASN A 206 -3.14 19.31 9.71
CA ASN A 206 -2.24 18.30 9.18
C ASN A 206 -2.89 17.53 8.04
N THR A 207 -2.17 17.37 6.92
CA THR A 207 -2.64 16.50 5.84
C THR A 207 -1.72 15.30 5.60
N ALA A 208 -0.74 15.05 6.46
CA ALA A 208 -0.12 13.72 6.47
C ALA A 208 -1.15 12.69 6.96
N VAL A 209 -0.93 11.40 6.66
CA VAL A 209 -1.99 10.42 6.87
C VAL A 209 -1.65 9.43 7.98
N GLY A 210 -2.72 8.93 8.61
CA GLY A 210 -2.62 7.88 9.60
C GLY A 210 -2.64 6.51 8.95
N ASP A 211 -2.80 5.48 9.81
CA ASP A 211 -2.52 4.11 9.37
C ASP A 211 -3.42 3.67 8.22
N GLU A 212 -4.64 4.20 8.13
CA GLU A 212 -5.59 3.76 7.11
C GLU A 212 -5.71 4.76 5.97
N GLY A 213 -4.79 5.72 5.87
CA GLY A 213 -4.77 6.64 4.76
C GLY A 213 -5.65 7.85 4.90
N GLY A 214 -6.29 8.05 6.04
CA GLY A 214 -7.07 9.26 6.26
C GLY A 214 -6.16 10.34 6.83
N PHE A 215 -6.53 11.60 6.61
CA PHE A 215 -5.70 12.66 7.16
C PHE A 215 -5.71 12.59 8.67
N ALA A 216 -4.63 13.08 9.28
CA ALA A 216 -4.51 12.97 10.74
C ALA A 216 -4.37 14.34 11.40
N PRO A 217 -5.30 15.28 11.19
CA PRO A 217 -5.18 16.56 11.88
C PRO A 217 -5.60 16.42 13.34
N ASN A 218 -5.21 17.42 14.12
CA ASN A 218 -5.82 17.64 15.44
C ASN A 218 -7.13 18.41 15.26
N ILE A 219 -8.12 18.10 16.11
CA ILE A 219 -9.45 18.69 15.95
C ILE A 219 -9.92 19.33 17.25
N GLN A 220 -10.79 20.35 17.11
CA GLN A 220 -11.44 20.98 18.26
CA GLN A 220 -11.41 20.97 18.28
C GLN A 220 -12.50 20.07 18.86
N SER A 221 -13.16 19.25 18.03
CA SER A 221 -14.24 18.37 18.50
C SER A 221 -14.64 17.44 17.36
N ASN A 222 -15.41 16.41 17.73
CA ASN A 222 -15.91 15.49 16.71
C ASN A 222 -16.85 16.19 15.74
N ARG A 223 -17.64 17.15 16.25
CA ARG A 223 -18.48 17.94 15.35
C ARG A 223 -17.64 18.72 14.35
N GLN A 224 -16.52 19.32 14.78
CA GLN A 224 -15.67 20.02 13.83
C GLN A 224 -15.19 19.08 12.73
N ALA A 225 -14.77 17.87 13.10
CA ALA A 225 -14.36 16.91 12.07
C ALA A 225 -15.48 16.65 11.08
N LEU A 226 -16.70 16.44 11.59
CA LEU A 226 -17.83 16.22 10.71
C LEU A 226 -18.15 17.46 9.88
N ASP A 227 -17.98 18.66 10.46
CA ASP A 227 -18.11 19.89 9.67
C ASP A 227 -17.08 19.95 8.55
N LEU A 228 -15.84 19.57 8.83
CA LEU A 228 -14.79 19.59 7.81
C LEU A 228 -15.09 18.60 6.69
N LEU A 229 -15.51 17.39 7.05
CA LEU A 229 -15.94 16.45 6.01
C LEU A 229 -17.13 17.00 5.23
N SER A 230 -18.09 17.61 5.93
CA SER A 230 -19.23 18.20 5.24
C SER A 230 -18.78 19.27 4.26
N GLU A 231 -17.84 20.12 4.66
CA GLU A 231 -17.39 21.20 3.77
C GLU A 231 -16.74 20.63 2.52
N ALA A 232 -15.99 19.54 2.66
CA ALA A 232 -15.33 18.93 1.51
C ALA A 232 -16.34 18.26 0.58
N ILE A 233 -17.33 17.57 1.15
CA ILE A 233 -18.39 16.97 0.34
C ILE A 233 -19.08 18.05 -0.50
N GLU A 234 -19.39 19.19 0.13
CA GLU A 234 -20.08 20.27 -0.56
C GLU A 234 -19.18 20.90 -1.62
N LYS A 235 -17.90 21.13 -1.28
CA LYS A 235 -17.02 21.77 -2.25
C LYS A 235 -16.70 20.84 -3.41
N ALA A 236 -16.69 19.53 -3.17
CA ALA A 236 -16.57 18.56 -4.24
C ALA A 236 -17.82 18.49 -5.11
N GLY A 237 -18.90 19.18 -4.73
CA GLY A 237 -20.10 19.22 -5.55
C GLY A 237 -21.09 18.11 -5.31
N PHE A 238 -21.02 17.43 -4.17
CA PHE A 238 -21.96 16.37 -3.84
C PHE A 238 -22.89 16.82 -2.71
N ARG A 239 -23.97 16.06 -2.54
CA ARG A 239 -25.03 16.42 -1.60
C ARG A 239 -24.99 15.50 -0.39
N LEU A 240 -24.87 16.08 0.80
CA LEU A 240 -25.07 15.34 2.04
C LEU A 240 -26.44 14.69 2.06
N GLY A 241 -26.49 13.42 2.42
CA GLY A 241 -27.76 12.71 2.51
C GLY A 241 -28.08 11.95 1.24
N GLU A 242 -28.27 12.67 0.13
CA GLU A 242 -28.59 12.00 -1.13
C GLU A 242 -27.36 11.31 -1.71
N ASP A 243 -26.25 12.03 -1.82
CA ASP A 243 -25.03 11.45 -2.39
C ASP A 243 -24.18 10.74 -1.35
N ILE A 244 -23.86 11.43 -0.26
CA ILE A 244 -22.86 10.99 0.71
C ILE A 244 -23.49 10.98 2.09
N VAL A 245 -23.29 9.88 2.84
CA VAL A 245 -23.65 9.82 4.25
C VAL A 245 -22.41 9.44 5.04
N PHE A 246 -22.52 9.50 6.36
CA PHE A 246 -21.38 9.24 7.24
C PHE A 246 -21.52 7.92 7.98
N ALA A 247 -20.37 7.32 8.28
CA ALA A 247 -20.27 6.20 9.20
C ALA A 247 -19.12 6.48 10.15
N LEU A 248 -19.25 5.98 11.38
CA LEU A 248 -18.21 6.16 12.38
C LEU A 248 -17.77 4.81 12.92
N ASP A 249 -16.49 4.71 13.24
CA ASP A 249 -15.98 3.65 14.10
C ASP A 249 -15.43 4.36 15.34
N VAL A 250 -16.19 4.32 16.43
CA VAL A 250 -15.75 4.97 17.66
C VAL A 250 -14.64 4.15 18.31
N ALA A 251 -14.67 2.82 18.15
CA ALA A 251 -13.76 1.91 18.88
C ALA A 251 -13.79 2.22 20.37
N ALA A 252 -15.02 2.28 20.90
CA ALA A 252 -15.21 2.81 22.24
C ALA A 252 -14.51 1.99 23.31
N SER A 253 -14.16 0.72 23.03
CA SER A 253 -13.41 -0.03 24.04
C SER A 253 -12.04 0.61 24.30
N GLU A 254 -11.52 1.37 23.32
CA GLU A 254 -10.27 2.09 23.52
C GLU A 254 -10.44 3.31 24.41
N LEU A 255 -11.68 3.81 24.55
CA LEU A 255 -11.99 5.02 25.30
C LEU A 255 -12.53 4.73 26.69
N PHE A 256 -12.81 3.47 26.98
CA PHE A 256 -13.51 3.10 28.20
C PHE A 256 -12.50 2.80 29.30
N ASN A 257 -12.67 3.47 30.43
CA ASN A 257 -11.89 3.15 31.60
C ASN A 257 -12.63 3.57 32.85
N GLU A 258 -12.81 2.62 33.78
CA GLU A 258 -13.35 2.88 35.11
C GLU A 258 -14.76 3.44 35.04
N GLY A 259 -15.62 2.73 34.33
CA GLY A 259 -17.03 3.09 34.25
C GLY A 259 -17.35 4.26 33.36
N PHE A 260 -16.36 4.89 32.70
CA PHE A 260 -16.64 6.04 31.84
C PHE A 260 -15.94 5.93 30.51
N TYR A 261 -16.58 6.51 29.50
CA TYR A 261 -16.00 6.73 28.19
C TYR A 261 -15.38 8.12 28.16
N HIS A 262 -14.10 8.20 27.80
CA HIS A 262 -13.35 9.45 27.89
C HIS A 262 -13.17 10.01 26.49
N MET A 263 -13.78 11.18 26.25
CA MET A 263 -13.55 11.93 25.03
C MET A 263 -12.56 13.03 25.38
N TYR A 264 -11.29 12.63 25.52
CA TYR A 264 -10.26 13.59 25.95
C TYR A 264 -10.23 14.83 25.07
N SER A 265 -10.41 14.64 23.76
CA SER A 265 -10.37 15.77 22.83
C SER A 265 -11.43 16.82 23.17
N GLU A 266 -12.53 16.43 23.81
CA GLU A 266 -13.59 17.38 24.15
C GLU A 266 -13.65 17.63 25.64
N ASN A 267 -12.62 17.19 26.37
CA ASN A 267 -12.53 17.45 27.80
C ASN A 267 -13.80 17.00 28.52
N GLN A 268 -14.29 15.81 28.16
CA GLN A 268 -15.55 15.32 28.68
C GLN A 268 -15.49 13.81 28.83
N LYS A 269 -16.19 13.30 29.84
CA LYS A 269 -16.38 11.85 29.96
C LYS A 269 -17.87 11.56 30.05
N PHE A 270 -18.23 10.32 29.72
CA PHE A 270 -19.63 9.92 29.62
C PHE A 270 -19.82 8.56 30.28
N ASP A 271 -20.92 8.41 31.02
CA ASP A 271 -21.34 7.04 31.28
C ASP A 271 -22.09 6.53 30.06
N SER A 272 -22.41 5.24 30.07
CA SER A 272 -23.06 4.62 28.91
CA SER A 272 -23.05 4.62 28.92
C SER A 272 -24.32 5.38 28.51
N HIS A 273 -25.20 5.68 29.48
CA HIS A 273 -26.42 6.41 29.18
C HIS A 273 -26.11 7.74 28.49
N GLN A 274 -25.15 8.49 29.03
CA GLN A 274 -24.80 9.78 28.45
C GLN A 274 -24.23 9.64 27.05
N LEU A 275 -23.44 8.58 26.81
CA LEU A 275 -22.84 8.45 25.48
C LEU A 275 -23.90 8.08 24.45
N ILE A 276 -24.92 7.34 24.85
CA ILE A 276 -26.04 7.09 23.96
C ILE A 276 -26.71 8.41 23.57
N GLU A 277 -26.98 9.28 24.56
CA GLU A 277 -27.54 10.60 24.25
C GLU A 277 -26.64 11.36 23.28
N TYR A 278 -25.33 11.32 23.52
CA TYR A 278 -24.37 11.98 22.67
C TYR A 278 -24.50 11.53 21.23
N TYR A 279 -24.65 10.22 21.01
CA TYR A 279 -24.88 9.73 19.65
C TYR A 279 -26.22 10.22 19.10
N ALA A 280 -27.27 10.18 19.92
CA ALA A 280 -28.56 10.66 19.44
C ALA A 280 -28.44 12.09 18.91
N ASN A 281 -27.69 12.93 19.63
CA ASN A 281 -27.56 14.32 19.22
C ASN A 281 -26.72 14.46 17.95
N LEU A 282 -25.67 13.63 17.80
CA LEU A 282 -24.90 13.63 16.56
C LEU A 282 -25.76 13.24 15.37
N ILE A 283 -26.52 12.16 15.54
CA ILE A 283 -27.37 11.64 14.47
C ILE A 283 -28.41 12.67 14.05
N SER A 284 -28.88 13.50 14.98
CA SER A 284 -29.86 14.51 14.61
C SER A 284 -29.22 15.72 13.95
N SER A 285 -27.90 15.85 14.01
CA SER A 285 -27.20 16.96 13.38
C SER A 285 -26.48 16.59 12.10
N TYR A 286 -26.21 15.30 11.87
CA TYR A 286 -25.45 14.88 10.72
C TYR A 286 -26.03 13.59 10.17
N PRO A 287 -25.93 13.37 8.85
CA PRO A 287 -26.47 12.14 8.25
C PRO A 287 -25.58 10.93 8.51
N ILE A 288 -25.45 10.59 9.79
CA ILE A 288 -24.71 9.39 10.21
C ILE A 288 -25.66 8.20 10.09
N VAL A 289 -25.30 7.23 9.23
CA VAL A 289 -26.15 6.05 9.04
C VAL A 289 -25.61 4.82 9.75
N SER A 290 -24.39 4.86 10.27
CA SER A 290 -23.81 3.68 10.89
C SER A 290 -22.83 4.11 11.99
N ILE A 291 -22.91 3.44 13.14
CA ILE A 291 -21.98 3.67 14.24
C ILE A 291 -21.41 2.32 14.66
N GLU A 292 -20.10 2.16 14.56
CA GLU A 292 -19.43 0.92 14.90
C GLU A 292 -18.79 1.06 16.29
N ASP A 293 -18.97 0.03 17.13
CA ASP A 293 -18.39 -0.01 18.47
C ASP A 293 -18.61 1.32 19.20
N GLY A 294 -19.86 1.78 19.21
CA GLY A 294 -20.21 2.96 19.98
C GLY A 294 -20.03 2.76 21.47
N LEU A 295 -20.01 1.52 21.92
CA LEU A 295 -19.84 1.23 23.33
C LEU A 295 -18.80 0.13 23.49
N ASP A 296 -18.35 -0.03 24.73
CA ASP A 296 -17.29 -0.96 25.08
C ASP A 296 -17.71 -2.40 24.77
N GLU A 297 -16.71 -3.24 24.48
CA GLU A 297 -16.96 -4.63 24.15
C GLU A 297 -17.64 -5.41 25.27
N LYS A 298 -17.54 -4.93 26.53
CA LYS A 298 -18.16 -5.61 27.65
C LYS A 298 -19.41 -4.90 28.15
N ASP A 299 -19.79 -3.79 27.53
CA ASP A 299 -20.92 -2.98 28.00
C ASP A 299 -22.22 -3.53 27.37
N TRP A 300 -22.58 -4.74 27.79
CA TRP A 300 -23.68 -5.40 27.10
C TRP A 300 -25.02 -4.76 27.44
N SER A 301 -25.19 -4.29 28.67
CA SER A 301 -26.40 -3.55 29.00
C SER A 301 -26.47 -2.25 28.22
N GLY A 302 -25.34 -1.55 28.09
CA GLY A 302 -25.32 -0.35 27.27
C GLY A 302 -25.66 -0.63 25.82
N TRP A 303 -25.08 -1.69 25.25
CA TRP A 303 -25.36 -2.03 23.86
C TRP A 303 -26.84 -2.35 23.66
N LYS A 304 -27.46 -3.02 24.63
CA LYS A 304 -28.89 -3.30 24.51
C LYS A 304 -29.69 -2.00 24.49
N GLN A 305 -29.35 -1.07 25.40
CA GLN A 305 -30.04 0.22 25.43
C GLN A 305 -29.85 0.97 24.14
N LEU A 306 -28.60 1.03 23.66
CA LEU A 306 -28.28 1.68 22.39
C LEU A 306 -29.12 1.09 21.26
N THR A 307 -29.23 -0.23 21.23
CA THR A 307 -29.91 -0.90 20.12
C THR A 307 -31.40 -0.62 20.16
N THR A 308 -32.01 -0.73 21.33
CA THR A 308 -33.43 -0.42 21.42
CA THR A 308 -33.43 -0.41 21.46
C THR A 308 -33.68 1.07 21.16
N HIS A 309 -32.82 1.95 21.65
CA HIS A 309 -33.09 3.38 21.54
C HIS A 309 -32.80 3.94 20.15
N LEU A 310 -31.73 3.50 19.50
CA LEU A 310 -31.33 4.08 18.22
C LEU A 310 -31.25 3.07 17.08
N GLY A 311 -31.48 1.78 17.33
CA GLY A 311 -31.23 0.79 16.30
C GLY A 311 -32.16 0.85 15.11
N ASN A 312 -33.35 1.43 15.27
CA ASN A 312 -34.24 1.63 14.14
C ASN A 312 -33.88 2.86 13.32
N LYS A 313 -32.97 3.69 13.84
CA LYS A 313 -32.55 4.92 13.18
C LYS A 313 -31.18 4.81 12.55
N VAL A 314 -30.33 3.89 13.03
CA VAL A 314 -28.95 3.85 12.58
C VAL A 314 -28.48 2.40 12.59
N GLN A 315 -27.55 2.09 11.71
CA GLN A 315 -26.86 0.80 11.77
C GLN A 315 -25.90 0.81 12.95
N LEU A 316 -25.93 -0.25 13.76
CA LEU A 316 -25.07 -0.38 14.92
C LEU A 316 -24.21 -1.61 14.69
N VAL A 317 -22.93 -1.39 14.41
CA VAL A 317 -22.01 -2.44 13.99
C VAL A 317 -21.21 -2.90 15.20
N GLY A 318 -21.30 -4.20 15.51
CA GLY A 318 -20.42 -4.79 16.50
C GLY A 318 -19.13 -5.20 15.83
N ASP A 319 -18.01 -4.73 16.38
CA ASP A 319 -16.67 -5.10 15.91
C ASP A 319 -15.96 -5.84 17.03
N ASP A 320 -15.37 -5.12 17.99
CA ASP A 320 -14.83 -5.76 19.18
C ASP A 320 -15.93 -6.48 19.96
N LEU A 321 -17.17 -6.01 19.81
CA LEU A 321 -18.31 -6.63 20.49
C LEU A 321 -18.44 -8.11 20.12
N PHE A 322 -18.23 -8.44 18.85
CA PHE A 322 -18.50 -9.77 18.31
C PHE A 322 -17.26 -10.52 17.85
N VAL A 323 -16.17 -9.81 17.54
CA VAL A 323 -14.91 -10.32 16.98
C VAL A 323 -15.14 -11.50 16.04
N THR A 324 -16.09 -11.34 15.11
CA THR A 324 -16.33 -12.28 14.01
C THR A 324 -16.46 -13.71 14.54
N ASN A 325 -17.02 -13.84 15.75
CA ASN A 325 -17.02 -15.09 16.48
C ASN A 325 -18.45 -15.60 16.55
N PRO A 326 -18.80 -16.69 15.84
CA PRO A 326 -20.20 -17.14 15.82
C PRO A 326 -20.79 -17.35 17.21
N LYS A 327 -20.01 -17.87 18.15
CA LYS A 327 -20.49 -18.09 19.51
C LYS A 327 -20.89 -16.78 20.18
N ILE A 328 -20.08 -15.73 20.01
CA ILE A 328 -20.41 -14.45 20.63
C ILE A 328 -21.55 -13.77 19.89
N LEU A 329 -21.53 -13.82 18.55
CA LEU A 329 -22.63 -13.26 17.78
C LEU A 329 -23.96 -13.90 18.18
N ARG A 330 -23.95 -15.22 18.40
CA ARG A 330 -25.17 -15.92 18.81
C ARG A 330 -25.71 -15.36 20.12
N GLU A 331 -24.83 -15.17 21.12
CA GLU A 331 -25.27 -14.56 22.37
C GLU A 331 -25.83 -13.17 22.12
N GLY A 332 -25.18 -12.38 21.26
CA GLY A 332 -25.62 -11.02 21.04
C GLY A 332 -26.96 -10.92 20.36
N ILE A 333 -27.19 -11.76 19.34
CA ILE A 333 -28.50 -11.81 18.69
C ILE A 333 -29.58 -12.17 19.72
N ALA A 334 -29.30 -13.17 20.55
CA ALA A 334 -30.28 -13.59 21.56
C ALA A 334 -30.60 -12.46 22.53
N GLN A 335 -29.60 -11.69 22.93
CA GLN A 335 -29.85 -10.57 23.81
C GLN A 335 -30.34 -9.33 23.07
N GLY A 336 -30.37 -9.36 21.74
CA GLY A 336 -30.87 -8.24 20.97
C GLY A 336 -29.95 -7.04 20.86
N ILE A 337 -28.63 -7.25 20.87
CA ILE A 337 -27.70 -6.14 20.81
C ILE A 337 -27.11 -6.01 19.42
N ALA A 338 -26.96 -4.77 18.97
CA ALA A 338 -26.44 -4.40 17.65
C ALA A 338 -27.39 -4.86 16.55
N ASN A 339 -27.13 -4.44 15.31
CA ASN A 339 -27.90 -4.94 14.17
C ASN A 339 -26.99 -5.16 12.97
N ALA A 340 -25.69 -5.19 13.18
CA ALA A 340 -24.75 -5.51 12.12
C ALA A 340 -23.46 -6.00 12.76
N ILE A 341 -22.64 -6.69 11.97
CA ILE A 341 -21.37 -7.20 12.46
C ILE A 341 -20.29 -6.85 11.45
N LEU A 342 -19.15 -6.40 11.96
CA LEU A 342 -17.99 -6.15 11.14
C LEU A 342 -17.23 -7.47 10.99
N ILE A 343 -16.99 -7.90 9.75
CA ILE A 343 -16.44 -9.21 9.46
C ILE A 343 -14.93 -9.08 9.25
N LYS A 344 -14.14 -9.63 10.16
CA LYS A 344 -12.68 -9.60 10.10
C LYS A 344 -12.15 -11.02 10.20
N VAL A 345 -11.68 -11.58 9.07
CA VAL A 345 -11.29 -12.98 9.05
C VAL A 345 -10.26 -13.31 10.13
N ASN A 346 -9.37 -12.37 10.44
CA ASN A 346 -8.31 -12.71 11.39
C ASN A 346 -8.73 -12.51 12.85
N GLN A 347 -9.97 -12.08 13.11
CA GLN A 347 -10.52 -12.11 14.46
C GLN A 347 -10.97 -13.50 14.90
N ILE A 348 -11.21 -14.40 13.95
CA ILE A 348 -11.69 -15.75 14.27
C ILE A 348 -10.77 -16.83 13.72
N GLY A 349 -10.21 -16.64 12.53
CA GLY A 349 -9.04 -17.40 12.12
C GLY A 349 -9.22 -18.38 10.99
N THR A 350 -10.44 -18.69 10.56
CA THR A 350 -10.65 -19.50 9.35
C THR A 350 -11.71 -18.85 8.49
N LEU A 351 -11.64 -19.16 7.19
CA LEU A 351 -12.72 -18.77 6.29
C LEU A 351 -14.03 -19.42 6.68
N SER A 352 -13.98 -20.69 7.13
CA SER A 352 -15.21 -21.41 7.45
C SER A 352 -15.92 -20.81 8.65
N GLU A 353 -15.18 -20.46 9.70
CA GLU A 353 -15.81 -19.81 10.86
C GLU A 353 -16.30 -18.42 10.50
N THR A 354 -15.59 -17.72 9.62
CA THR A 354 -16.05 -16.42 9.13
C THR A 354 -17.39 -16.57 8.42
N ARG A 355 -17.51 -17.57 7.55
CA ARG A 355 -18.76 -17.84 6.86
C ARG A 355 -19.88 -18.19 7.82
N GLN A 356 -19.56 -18.92 8.91
CA GLN A 356 -20.56 -19.19 9.93
C GLN A 356 -21.12 -17.90 10.52
N ALA A 357 -20.25 -16.94 10.78
CA ALA A 357 -20.68 -15.66 11.35
C ALA A 357 -21.60 -14.93 10.39
N ILE A 358 -21.19 -14.84 9.13
CA ILE A 358 -21.99 -14.22 8.07
C ILE A 358 -23.39 -14.84 8.03
N LYS A 359 -23.46 -16.17 7.89
CA LYS A 359 -24.75 -16.84 7.77
C LYS A 359 -25.60 -16.62 9.01
N LEU A 360 -24.98 -16.71 10.19
CA LEU A 360 -25.71 -16.46 11.43
C LEU A 360 -26.26 -15.04 11.47
N ALA A 361 -25.49 -14.08 10.96
CA ALA A 361 -25.98 -12.71 10.87
C ALA A 361 -27.14 -12.60 9.88
N TYR A 362 -26.96 -13.12 8.66
CA TYR A 362 -28.02 -13.07 7.66
C TYR A 362 -29.29 -13.74 8.14
N ASP A 363 -29.18 -14.93 8.73
CA ASP A 363 -30.35 -15.67 9.19
C ASP A 363 -31.14 -14.93 10.26
N ASN A 364 -30.57 -13.88 10.86
CA ASN A 364 -31.22 -13.17 11.94
C ASN A 364 -31.39 -11.68 11.62
N GLY A 365 -31.31 -11.31 10.35
CA GLY A 365 -31.57 -9.94 9.97
C GLY A 365 -30.46 -8.95 10.25
N TYR A 366 -29.26 -9.40 10.63
CA TYR A 366 -28.14 -8.50 10.82
C TYR A 366 -27.41 -8.28 9.51
N ARG A 367 -26.94 -7.06 9.30
CA ARG A 367 -26.12 -6.78 8.14
C ARG A 367 -24.66 -7.12 8.44
N CYS A 368 -23.87 -7.32 7.38
CA CYS A 368 -22.44 -7.59 7.50
C CYS A 368 -21.64 -6.54 6.76
N VAL A 369 -20.56 -6.07 7.40
CA VAL A 369 -19.61 -5.12 6.80
C VAL A 369 -18.27 -5.85 6.69
N MET A 370 -17.86 -6.15 5.46
CA MET A 370 -16.58 -6.81 5.23
C MET A 370 -15.45 -5.81 5.49
N SER A 371 -14.43 -6.22 6.25
CA SER A 371 -13.49 -5.24 6.80
C SER A 371 -12.04 -5.68 6.68
N HIS A 372 -11.18 -4.69 6.46
CA HIS A 372 -9.73 -4.77 6.60
C HIS A 372 -9.34 -4.73 8.07
N ARG A 373 -8.04 -4.85 8.34
CA ARG A 373 -7.48 -4.36 9.59
C ARG A 373 -6.68 -3.09 9.31
N SER A 374 -6.38 -2.36 10.39
CA SER A 374 -5.57 -1.16 10.21
C SER A 374 -4.16 -1.51 9.75
N GLY A 375 -3.68 -2.70 10.07
CA GLY A 375 -2.43 -3.21 9.52
C GLY A 375 -2.71 -4.15 8.38
N GLU A 376 -2.57 -3.68 7.14
CA GLU A 376 -2.96 -4.46 5.98
C GLU A 376 -1.74 -5.03 5.25
N THR A 377 -2.03 -5.85 4.25
CA THR A 377 -1.01 -6.33 3.31
C THR A 377 -1.51 -6.07 1.89
N GLU A 378 -0.69 -6.43 0.91
CA GLU A 378 -1.11 -6.35 -0.47
C GLU A 378 -2.21 -7.36 -0.84
N ASP A 379 -2.62 -8.23 0.09
CA ASP A 379 -3.64 -9.23 -0.20
C ASP A 379 -5.01 -8.56 -0.33
N THR A 380 -5.75 -8.92 -1.39
CA THR A 380 -7.05 -8.32 -1.66
C THR A 380 -8.22 -9.27 -1.40
N PHE A 381 -8.02 -10.32 -0.57
CA PHE A 381 -9.06 -11.32 -0.34
C PHE A 381 -10.41 -10.70 0.02
N ILE A 382 -10.43 -9.63 0.83
CA ILE A 382 -11.72 -9.14 1.32
C ILE A 382 -12.53 -8.47 0.21
N ALA A 383 -11.89 -8.01 -0.86
CA ALA A 383 -12.67 -7.54 -2.01
C ALA A 383 -13.51 -8.67 -2.60
N ASP A 384 -12.89 -9.80 -2.89
CA ASP A 384 -13.64 -10.93 -3.42
C ASP A 384 -14.63 -11.46 -2.39
N LEU A 385 -14.24 -11.51 -1.12
CA LEU A 385 -15.17 -12.02 -0.12
C LEU A 385 -16.35 -11.07 0.07
N ALA A 386 -16.11 -9.75 0.05
CA ALA A 386 -17.21 -8.80 0.13
C ALA A 386 -18.23 -9.07 -0.98
N VAL A 387 -17.77 -9.17 -2.22
CA VAL A 387 -18.66 -9.41 -3.36
C VAL A 387 -19.34 -10.78 -3.23
N ALA A 388 -18.56 -11.83 -2.96
CA ALA A 388 -19.13 -13.17 -2.90
C ALA A 388 -20.20 -13.29 -1.82
N SER A 389 -20.01 -12.61 -0.68
CA SER A 389 -20.96 -12.74 0.42
C SER A 389 -22.26 -12.01 0.14
N GLY A 390 -22.27 -11.07 -0.79
CA GLY A 390 -23.44 -10.23 -0.98
C GLY A 390 -23.72 -9.28 0.16
N CYS A 391 -22.74 -9.03 1.02
CA CYS A 391 -23.01 -8.22 2.21
C CYS A 391 -23.37 -6.79 1.89
N GLY A 392 -22.93 -6.27 0.75
CA GLY A 392 -23.34 -4.95 0.29
C GLY A 392 -22.60 -3.78 0.89
N GLN A 393 -21.67 -4.01 1.81
CA GLN A 393 -20.89 -2.95 2.44
C GLN A 393 -19.48 -3.44 2.67
N ILE A 394 -18.49 -2.59 2.39
CA ILE A 394 -17.10 -2.94 2.69
C ILE A 394 -16.46 -1.78 3.43
N LYS A 395 -15.55 -2.11 4.34
CA LYS A 395 -14.76 -1.10 5.03
C LYS A 395 -13.29 -1.43 4.75
N THR A 396 -12.65 -0.68 3.85
CA THR A 396 -11.29 -1.05 3.51
C THR A 396 -10.37 0.16 3.29
N GLY A 397 -10.70 1.31 3.86
CA GLY A 397 -9.71 2.37 4.01
C GLY A 397 -10.07 3.65 3.30
N SER A 398 -9.18 4.61 3.48
CA SER A 398 -9.22 5.89 2.77
C SER A 398 -8.84 5.65 1.31
N LEU A 399 -8.70 6.74 0.57
CA LEU A 399 -8.42 6.68 -0.85
C LEU A 399 -6.93 6.92 -1.15
N CYS A 400 -6.05 6.71 -0.19
CA CYS A 400 -4.62 6.63 -0.47
C CYS A 400 -4.03 5.51 0.37
N ARG A 401 -2.79 5.14 0.04
CA ARG A 401 -2.05 3.98 0.54
C ARG A 401 -2.52 2.73 -0.19
N THR A 402 -1.59 2.05 -0.86
CA THR A 402 -1.97 0.86 -1.62
C THR A 402 -2.48 -0.25 -0.72
N ASP A 403 -2.20 -0.20 0.59
CA ASP A 403 -2.83 -1.18 1.48
C ASP A 403 -4.35 -1.09 1.43
N ARG A 404 -4.87 0.10 1.06
CA ARG A 404 -6.29 0.32 0.87
C ARG A 404 -6.68 0.32 -0.60
N THR A 405 -5.95 1.03 -1.45
CA THR A 405 -6.38 1.17 -2.84
C THR A 405 -6.31 -0.15 -3.61
N ALA A 406 -5.41 -1.07 -3.21
CA ALA A 406 -5.37 -2.38 -3.86
C ALA A 406 -6.72 -3.08 -3.75
N LYS A 407 -7.43 -2.92 -2.62
CA LYS A 407 -8.74 -3.54 -2.49
C LYS A 407 -9.77 -2.87 -3.39
N TYR A 408 -9.79 -1.54 -3.42
CA TYR A 408 -10.65 -0.84 -4.37
C TYR A 408 -10.31 -1.21 -5.80
N ASN A 409 -9.02 -1.37 -6.09
CA ASN A 409 -8.64 -1.76 -7.45
C ASN A 409 -9.13 -3.16 -7.76
N GLN A 410 -9.10 -4.07 -6.79
CA GLN A 410 -9.60 -5.42 -7.05
C GLN A 410 -11.10 -5.40 -7.31
N LEU A 411 -11.83 -4.54 -6.59
CA LEU A 411 -13.26 -4.37 -6.84
C LEU A 411 -13.52 -3.83 -8.24
N LEU A 412 -12.70 -2.86 -8.69
CA LEU A 412 -12.78 -2.42 -10.08
C LEU A 412 -12.58 -3.58 -11.06
N ARG A 413 -11.65 -4.46 -10.75
CA ARG A 413 -11.39 -5.59 -11.63
C ARG A 413 -12.56 -6.57 -11.63
N ILE A 414 -13.10 -6.89 -10.45
CA ILE A 414 -14.25 -7.78 -10.39
C ILE A 414 -15.43 -7.18 -11.15
N ASN A 415 -15.62 -5.87 -11.01
CA ASN A 415 -16.76 -5.19 -11.63
C ASN A 415 -16.76 -5.34 -13.14
N GLU A 416 -15.60 -5.54 -13.76
CA GLU A 416 -15.50 -5.58 -15.22
C GLU A 416 -16.39 -6.66 -15.82
N LEU A 417 -16.33 -7.89 -15.29
CA LEU A 417 -17.08 -8.99 -15.89
C LEU A 417 -18.15 -9.58 -14.98
N ALA A 418 -18.29 -9.09 -13.75
CA ALA A 418 -19.19 -9.72 -12.80
C ALA A 418 -20.65 -9.49 -13.17
N SER A 419 -20.95 -8.39 -13.83
CA SER A 419 -22.32 -8.04 -14.23
C SER A 419 -23.25 -8.04 -13.02
N LEU A 420 -22.82 -7.32 -11.98
CA LEU A 420 -23.52 -7.31 -10.70
C LEU A 420 -24.03 -5.91 -10.38
N PRO A 421 -25.16 -5.80 -9.67
CA PRO A 421 -25.65 -4.48 -9.26
C PRO A 421 -24.77 -3.90 -8.16
N TYR A 422 -24.93 -2.60 -7.95
CA TYR A 422 -24.29 -1.88 -6.86
C TYR A 422 -25.29 -1.73 -5.73
N ALA A 423 -24.85 -2.03 -4.50
CA ALA A 423 -25.80 -2.13 -3.39
C ALA A 423 -26.52 -0.81 -3.13
N GLY A 424 -25.85 0.31 -3.33
CA GLY A 424 -26.50 1.61 -3.27
C GLY A 424 -27.24 1.85 -1.96
N LYS A 425 -28.38 2.54 -2.07
CA LYS A 425 -29.19 2.84 -0.89
C LYS A 425 -29.88 1.62 -0.31
N ASN A 426 -29.84 0.48 -1.00
CA ASN A 426 -30.43 -0.75 -0.46
C ASN A 426 -29.79 -1.17 0.85
N ILE A 427 -28.62 -0.61 1.19
CA ILE A 427 -27.96 -0.97 2.45
C ILE A 427 -28.60 -0.34 3.66
N LEU A 428 -29.61 0.51 3.48
CA LEU A 428 -30.31 1.10 4.61
C LEU A 428 -31.39 0.15 5.13
N HIS B 5 5.69 -25.49 -28.24
CA HIS B 5 5.51 -24.70 -29.45
C HIS B 5 5.62 -23.21 -29.13
N HIS B 6 6.22 -22.43 -30.03
CA HIS B 6 6.52 -21.04 -29.77
C HIS B 6 5.39 -20.08 -30.10
N HIS B 7 4.35 -20.54 -30.83
CA HIS B 7 3.15 -19.74 -31.00
C HIS B 7 2.39 -19.57 -29.68
N HIS B 8 2.80 -20.28 -28.63
CA HIS B 8 2.21 -20.09 -27.32
C HIS B 8 2.57 -18.74 -26.69
N MET B 9 3.51 -18.00 -27.27
CA MET B 9 3.82 -16.65 -26.82
C MET B 9 3.06 -15.59 -27.62
N HIS B 10 2.16 -15.99 -28.51
CA HIS B 10 1.46 -15.03 -29.35
C HIS B 10 0.36 -14.31 -28.57
N ILE B 11 0.19 -13.03 -28.85
CA ILE B 11 -0.77 -12.19 -28.14
C ILE B 11 -2.16 -12.42 -28.72
N HIS B 12 -3.13 -12.67 -27.85
CA HIS B 12 -4.51 -12.72 -28.28
C HIS B 12 -5.19 -11.36 -28.18
N LYS B 13 -4.94 -10.65 -27.08
CA LYS B 13 -5.70 -9.46 -26.78
C LYS B 13 -4.89 -8.64 -25.79
N ILE B 14 -5.00 -7.32 -25.89
CA ILE B 14 -4.47 -6.42 -24.86
C ILE B 14 -5.57 -5.47 -24.45
N GLN B 15 -5.72 -5.27 -23.14
CA GLN B 15 -6.73 -4.36 -22.61
C GLN B 15 -6.12 -3.59 -21.45
N ALA B 16 -6.77 -2.49 -21.10
CA ALA B 16 -6.32 -1.67 -19.99
C ALA B 16 -7.51 -1.25 -19.14
N ARG B 17 -7.20 -0.73 -17.97
CA ARG B 17 -8.21 -0.23 -17.05
C ARG B 17 -7.60 0.88 -16.20
N GLU B 18 -8.48 1.75 -15.71
CA GLU B 18 -8.10 2.77 -14.77
C GLU B 18 -8.13 2.18 -13.36
N ILE B 19 -7.05 2.37 -12.59
CA ILE B 19 -6.99 1.98 -11.19
C ILE B 19 -6.49 3.19 -10.41
N LEU B 20 -6.52 3.09 -9.06
CA LEU B 20 -5.99 4.16 -8.23
C LEU B 20 -4.53 3.89 -7.85
N ASP B 21 -3.71 4.95 -7.91
CA ASP B 21 -2.36 4.84 -7.37
C ASP B 21 -2.38 5.13 -5.86
N SER B 22 -1.21 5.13 -5.24
CA SER B 22 -1.12 5.18 -3.79
C SER B 22 -1.42 6.54 -3.21
N ARG B 23 -1.53 7.58 -4.04
CA ARG B 23 -1.96 8.90 -3.61
C ARG B 23 -3.44 9.13 -3.84
N GLY B 24 -4.14 8.15 -4.41
CA GLY B 24 -5.52 8.36 -4.80
C GLY B 24 -5.70 8.99 -6.15
N ASN B 25 -4.71 8.89 -7.02
CA ASN B 25 -4.97 9.42 -8.35
C ASN B 25 -5.04 8.28 -9.35
N PRO B 26 -5.86 8.41 -10.40
CA PRO B 26 -5.95 7.33 -11.40
C PRO B 26 -4.59 7.04 -12.04
N THR B 27 -4.38 5.78 -12.37
CA THR B 27 -3.30 5.38 -13.26
C THR B 27 -3.81 4.18 -14.05
N ILE B 28 -2.95 3.64 -14.91
CA ILE B 28 -3.35 2.66 -15.92
C ILE B 28 -2.73 1.31 -15.58
N GLU B 29 -3.53 0.25 -15.78
CA GLU B 29 -3.10 -1.12 -15.65
C GLU B 29 -3.49 -1.83 -16.94
N ALA B 30 -2.58 -2.65 -17.46
CA ALA B 30 -2.81 -3.36 -18.72
C ALA B 30 -2.75 -4.86 -18.49
N ASP B 31 -3.62 -5.59 -19.20
CA ASP B 31 -3.63 -7.06 -19.24
C ASP B 31 -3.28 -7.49 -20.66
N VAL B 32 -2.26 -8.33 -20.79
CA VAL B 32 -1.88 -8.92 -22.07
C VAL B 32 -2.23 -10.39 -22.00
N THR B 33 -3.22 -10.81 -22.79
CA THR B 33 -3.67 -12.19 -22.83
C THR B 33 -3.08 -12.89 -24.04
N LEU B 34 -2.42 -14.02 -23.80
CA LEU B 34 -1.84 -14.81 -24.88
C LEU B 34 -2.85 -15.82 -25.41
N THR B 35 -2.49 -16.51 -26.50
CA THR B 35 -3.40 -17.47 -27.10
C THR B 35 -3.61 -18.70 -26.22
N THR B 36 -2.72 -18.94 -25.26
CA THR B 36 -2.87 -20.04 -24.31
C THR B 36 -3.74 -19.67 -23.12
N GLY B 37 -4.32 -18.46 -23.11
CA GLY B 37 -5.07 -17.97 -21.99
C GLY B 37 -4.26 -17.25 -20.93
N ILE B 38 -2.94 -17.40 -20.93
CA ILE B 38 -2.09 -16.78 -19.92
C ILE B 38 -2.23 -15.27 -20.01
N ILE B 39 -2.29 -14.61 -18.85
CA ILE B 39 -2.46 -13.17 -18.78
C ILE B 39 -1.30 -12.57 -17.99
N GLY B 40 -0.55 -11.67 -18.62
CA GLY B 40 0.44 -10.85 -17.93
C GLY B 40 -0.19 -9.51 -17.57
N ARG B 41 0.06 -9.06 -16.35
CA ARG B 41 -0.55 -7.83 -15.85
C ARG B 41 0.50 -6.91 -15.26
N ALA B 42 0.34 -5.61 -15.49
CA ALA B 42 1.24 -4.60 -14.94
C ALA B 42 0.55 -3.24 -14.88
N SER B 43 0.92 -2.44 -13.88
CA SER B 43 0.40 -1.09 -13.74
C SER B 43 1.55 -0.10 -13.60
N VAL B 44 1.25 1.18 -13.80
CA VAL B 44 2.23 2.22 -14.03
C VAL B 44 2.23 3.19 -12.84
N PRO B 45 3.40 3.61 -12.36
CA PRO B 45 3.46 4.59 -11.26
C PRO B 45 3.39 6.02 -11.79
N SER B 46 3.47 6.99 -10.86
CA SER B 46 3.34 8.39 -11.22
C SER B 46 4.12 9.27 -10.26
N GLY B 47 5.01 10.11 -10.79
CA GLY B 47 5.78 10.99 -9.94
C GLY B 47 5.05 12.27 -9.56
N ALA B 48 5.53 12.91 -8.50
CA ALA B 48 5.11 14.27 -8.16
C ALA B 48 6.13 15.31 -8.59
N SER B 49 7.39 15.10 -8.21
CA SER B 49 8.48 15.97 -8.67
C SER B 49 9.03 15.36 -9.95
N THR B 50 8.35 15.66 -11.05
CA THR B 50 8.65 15.09 -12.36
C THR B 50 9.60 16.01 -13.11
N GLY B 51 10.67 15.43 -13.67
CA GLY B 51 11.56 16.23 -14.51
C GLY B 51 10.84 16.75 -15.74
N SER B 52 11.31 17.89 -16.25
CA SER B 52 10.66 18.49 -17.41
C SER B 52 10.80 17.64 -18.67
N ARG B 53 11.79 16.74 -18.74
CA ARG B 53 11.98 15.93 -19.93
C ARG B 53 11.52 14.48 -19.75
N GLU B 54 10.72 14.20 -18.73
CA GLU B 54 10.12 12.87 -18.63
C GLU B 54 9.16 12.65 -19.80
N ALA B 55 9.06 11.39 -20.23
CA ALA B 55 8.10 11.04 -21.26
C ALA B 55 6.67 11.36 -20.80
N CYS B 56 5.79 11.54 -21.78
CA CYS B 56 4.46 12.11 -21.54
C CYS B 56 3.60 11.18 -20.69
N GLU B 57 3.21 11.67 -19.51
CA GLU B 57 2.18 11.01 -18.70
C GLU B 57 0.83 11.54 -19.17
N LEU B 58 0.13 10.75 -19.97
CA LEU B 58 -1.08 11.20 -20.63
C LEU B 58 -2.25 11.18 -19.66
N ARG B 59 -2.82 12.36 -19.39
CA ARG B 59 -4.00 12.48 -18.54
C ARG B 59 -5.15 13.13 -19.30
N ASP B 60 -6.37 12.91 -18.79
CA ASP B 60 -7.57 13.32 -19.50
C ASP B 60 -7.84 14.82 -19.40
N ASN B 61 -7.48 15.43 -18.26
CA ASN B 61 -7.74 16.84 -18.00
C ASN B 61 -9.24 17.17 -18.09
N ASP B 62 -10.07 16.24 -17.63
CA ASP B 62 -11.50 16.48 -17.49
C ASP B 62 -11.74 17.00 -16.07
N PRO B 63 -12.14 18.26 -15.89
CA PRO B 63 -12.27 18.79 -14.52
C PRO B 63 -13.38 18.13 -13.71
N LYS B 64 -14.33 17.44 -14.35
CA LYS B 64 -15.41 16.77 -13.64
C LYS B 64 -15.08 15.32 -13.28
N ARG B 65 -13.88 14.82 -13.60
CA ARG B 65 -13.48 13.45 -13.29
C ARG B 65 -12.11 13.48 -12.62
N TYR B 66 -12.07 13.13 -11.33
CA TYR B 66 -10.80 12.96 -10.62
C TYR B 66 -9.92 14.20 -10.74
N ALA B 67 -10.55 15.38 -10.72
CA ALA B 67 -9.85 16.66 -10.79
C ALA B 67 -8.91 16.70 -12.00
N GLY B 68 -9.38 16.19 -13.13
CA GLY B 68 -8.60 16.21 -14.35
C GLY B 68 -7.54 15.14 -14.48
N LYS B 69 -7.44 14.21 -13.55
CA LYS B 69 -6.35 13.24 -13.55
C LYS B 69 -6.75 11.86 -14.06
N GLY B 70 -7.94 11.72 -14.66
CA GLY B 70 -8.31 10.46 -15.29
C GLY B 70 -7.29 10.04 -16.33
N VAL B 71 -7.31 8.74 -16.67
CA VAL B 71 -6.42 8.24 -17.73
C VAL B 71 -7.21 7.36 -18.69
N GLN B 72 -8.47 7.72 -18.95
CA GLN B 72 -9.25 6.94 -19.90
CA GLN B 72 -9.27 6.97 -19.91
C GLN B 72 -8.70 7.05 -21.32
N LYS B 73 -8.08 8.18 -21.68
CA LYS B 73 -7.49 8.28 -23.02
C LYS B 73 -6.37 7.26 -23.20
N ALA B 74 -5.49 7.17 -22.20
CA ALA B 74 -4.42 6.16 -22.24
C ALA B 74 -5.00 4.75 -22.25
N VAL B 75 -6.04 4.51 -21.44
CA VAL B 75 -6.71 3.21 -21.47
C VAL B 75 -7.27 2.93 -22.86
N LYS B 76 -7.92 3.93 -23.46
CA LYS B 76 -8.49 3.75 -24.80
C LYS B 76 -7.40 3.45 -25.83
N HIS B 77 -6.21 4.04 -25.65
CA HIS B 77 -5.12 3.79 -26.58
C HIS B 77 -4.58 2.37 -26.45
N VAL B 78 -4.61 1.80 -25.25
CA VAL B 78 -4.24 0.39 -25.10
C VAL B 78 -5.30 -0.49 -25.75
N ASN B 79 -6.58 -0.22 -25.44
CA ASN B 79 -7.67 -1.05 -25.95
C ASN B 79 -7.76 -1.03 -27.46
N ASN B 80 -7.41 0.09 -28.09
CA ASN B 80 -7.62 0.25 -29.52
C ASN B 80 -6.32 0.10 -30.31
N GLU B 81 -5.55 1.20 -30.45
CA GLU B 81 -4.41 1.18 -31.34
C GLU B 81 -3.39 0.12 -30.93
N ILE B 82 -3.07 0.06 -29.63
CA ILE B 82 -2.03 -0.84 -29.17
C ILE B 82 -2.46 -2.29 -29.32
N ASN B 83 -3.69 -2.61 -28.87
CA ASN B 83 -4.17 -3.98 -28.99
C ASN B 83 -4.11 -4.48 -30.42
N GLN B 84 -4.67 -3.72 -31.36
CA GLN B 84 -4.70 -4.20 -32.73
C GLN B 84 -3.31 -4.19 -33.36
N ALA B 85 -2.42 -3.30 -32.91
CA ALA B 85 -1.07 -3.28 -33.45
C ALA B 85 -0.27 -4.50 -33.04
N LEU B 86 -0.55 -5.07 -31.87
CA LEU B 86 0.29 -6.12 -31.30
C LEU B 86 -0.35 -7.50 -31.35
N GLN B 87 -1.64 -7.62 -31.67
CA GLN B 87 -2.28 -8.92 -31.64
C GLN B 87 -1.69 -9.83 -32.71
N GLY B 88 -1.48 -11.09 -32.34
CA GLY B 88 -0.79 -12.04 -33.19
C GLY B 88 0.72 -12.00 -33.08
N LEU B 89 1.30 -10.97 -32.47
CA LEU B 89 2.74 -10.89 -32.30
C LEU B 89 3.17 -11.66 -31.06
N SER B 90 4.45 -12.01 -31.03
CA SER B 90 5.01 -12.76 -29.91
C SER B 90 5.52 -11.82 -28.82
N VAL B 91 5.26 -12.18 -27.56
CA VAL B 91 5.90 -11.47 -26.45
C VAL B 91 7.30 -11.98 -26.17
N GLU B 92 7.78 -12.98 -26.92
CA GLU B 92 9.10 -13.53 -26.63
C GLU B 92 10.20 -12.51 -26.87
N ASP B 93 9.99 -11.58 -27.79
CA ASP B 93 11.00 -10.58 -28.18
C ASP B 93 10.60 -9.22 -27.61
N GLN B 94 11.11 -8.92 -26.41
CA GLN B 94 10.77 -7.67 -25.75
C GLN B 94 11.17 -6.45 -26.58
N GLU B 95 12.36 -6.50 -27.19
CA GLU B 95 12.83 -5.37 -27.98
C GLU B 95 11.93 -5.11 -29.17
N ASN B 96 11.48 -6.16 -29.85
CA ASN B 96 10.61 -5.97 -31.01
C ASN B 96 9.28 -5.33 -30.63
N LEU B 97 8.66 -5.78 -29.53
CA LEU B 97 7.38 -5.20 -29.12
C LEU B 97 7.55 -3.74 -28.70
N ASP B 98 8.61 -3.44 -27.94
CA ASP B 98 8.82 -2.05 -27.55
C ASP B 98 9.10 -1.17 -28.76
N ARG B 99 9.79 -1.71 -29.76
CA ARG B 99 10.04 -0.97 -30.99
C ARG B 99 8.73 -0.64 -31.70
N ILE B 100 7.83 -1.62 -31.80
CA ILE B 100 6.55 -1.39 -32.48
C ILE B 100 5.73 -0.35 -31.72
N LEU B 101 5.73 -0.42 -30.39
CA LEU B 101 5.00 0.55 -29.59
C LEU B 101 5.51 1.96 -29.82
N CYS B 102 6.84 2.15 -29.77
CA CYS B 102 7.41 3.48 -30.01
C CYS B 102 7.07 3.99 -31.39
N GLN B 103 7.15 3.12 -32.40
CA GLN B 103 6.87 3.55 -33.77
C GLN B 103 5.38 3.82 -33.98
N LEU B 104 4.50 3.07 -33.31
CA LEU B 104 3.07 3.34 -33.38
C LEU B 104 2.77 4.74 -32.86
N ASP B 105 3.41 5.13 -31.76
CA ASP B 105 3.21 6.46 -31.19
C ASP B 105 3.83 7.55 -32.09
N ASN B 106 5.04 7.31 -32.57
CA ASN B 106 5.67 8.16 -33.59
C ASN B 106 5.91 9.58 -33.09
N THR B 107 6.12 9.76 -31.78
CA THR B 107 6.51 11.05 -31.23
C THR B 107 7.72 10.85 -30.32
N GLU B 108 8.54 11.90 -30.21
CA GLU B 108 9.76 11.80 -29.41
C GLU B 108 9.46 11.49 -27.95
N ASN B 109 8.46 12.14 -27.37
CA ASN B 109 8.17 12.02 -25.94
C ASN B 109 6.95 11.15 -25.64
N LYS B 110 6.52 10.33 -26.60
CA LYS B 110 5.39 9.40 -26.40
C LYS B 110 4.10 10.14 -26.04
N SER B 111 3.84 11.26 -26.72
CA SER B 111 2.71 12.11 -26.38
C SER B 111 1.48 11.86 -27.24
N HIS B 112 1.56 10.95 -28.21
CA HIS B 112 0.36 10.56 -28.94
C HIS B 112 -0.42 9.51 -28.16
N LEU B 113 0.22 8.39 -27.85
CA LEU B 113 -0.40 7.30 -27.10
C LEU B 113 -0.26 7.47 -25.60
N GLY B 114 0.74 8.19 -25.14
CA GLY B 114 1.02 8.26 -23.72
C GLY B 114 2.08 7.27 -23.28
N ALA B 115 3.11 7.77 -22.60
CA ALA B 115 4.13 6.88 -22.04
C ALA B 115 3.54 5.88 -21.06
N ASN B 116 2.46 6.27 -20.36
CA ASN B 116 1.85 5.35 -19.41
C ASN B 116 1.14 4.21 -20.13
N ALA B 117 0.49 4.50 -21.26
CA ALA B 117 -0.14 3.42 -22.03
C ALA B 117 0.92 2.48 -22.61
N ILE B 118 2.01 3.05 -23.13
CA ILE B 118 3.08 2.23 -23.68
C ILE B 118 3.77 1.42 -22.60
N LEU B 119 4.08 2.04 -21.46
CA LEU B 119 4.78 1.30 -20.41
C LEU B 119 3.92 0.17 -19.85
N ALA B 120 2.64 0.45 -19.56
CA ALA B 120 1.74 -0.60 -19.09
C ALA B 120 1.78 -1.80 -20.02
N THR B 121 1.73 -1.54 -21.33
CA THR B 121 1.80 -2.62 -22.31
C THR B 121 3.17 -3.31 -22.26
N SER B 122 4.24 -2.53 -22.22
CA SER B 122 5.60 -3.07 -22.24
C SER B 122 5.84 -4.02 -21.06
N LEU B 123 5.45 -3.59 -19.86
CA LEU B 123 5.70 -4.41 -18.67
C LEU B 123 4.75 -5.60 -18.62
N ALA B 124 3.50 -5.43 -19.02
CA ALA B 124 2.57 -6.56 -19.03
C ALA B 124 3.03 -7.63 -20.01
N CYS B 125 3.63 -7.23 -21.13
CA CYS B 125 4.20 -8.22 -22.05
C CYS B 125 5.37 -8.95 -21.39
N ALA B 126 6.24 -8.23 -20.67
CA ALA B 126 7.33 -8.88 -19.95
C ALA B 126 6.80 -9.93 -18.97
N ARG B 127 5.68 -9.64 -18.29
CA ARG B 127 5.13 -10.60 -17.35
C ARG B 127 4.48 -11.78 -18.08
N ALA B 128 3.80 -11.50 -19.19
CA ALA B 128 3.23 -12.59 -19.98
C ALA B 128 4.34 -13.50 -20.52
N ARG B 129 5.48 -12.93 -20.88
CA ARG B 129 6.62 -13.73 -21.31
C ARG B 129 7.11 -14.63 -20.18
N ALA B 130 7.27 -14.05 -19.00
CA ALA B 130 7.77 -14.82 -17.85
C ALA B 130 6.83 -15.97 -17.50
N LEU B 131 5.52 -15.71 -17.50
CA LEU B 131 4.56 -16.78 -17.22
C LEU B 131 4.64 -17.89 -18.26
N SER B 132 4.84 -17.53 -19.52
CA SER B 132 4.99 -18.54 -20.56
C SER B 132 6.24 -19.38 -20.34
N LEU B 133 7.34 -18.75 -19.95
CA LEU B 133 8.58 -19.46 -19.69
C LEU B 133 8.53 -20.29 -18.42
N ASN B 134 7.50 -20.12 -17.60
CA ASN B 134 7.39 -20.77 -16.29
C ASN B 134 8.62 -20.52 -15.43
N GLN B 135 9.05 -19.26 -15.39
CA GLN B 135 10.18 -18.81 -14.57
C GLN B 135 9.80 -17.54 -13.84
N PRO B 136 10.38 -17.29 -12.66
CA PRO B 136 10.10 -16.03 -11.97
C PRO B 136 10.54 -14.85 -12.81
N LEU B 137 9.79 -13.75 -12.67
CA LEU B 137 10.01 -12.57 -13.50
C LEU B 137 11.48 -12.16 -13.52
N TYR B 138 12.12 -12.11 -12.34
CA TYR B 138 13.50 -11.61 -12.30
C TYR B 138 14.44 -12.47 -13.13
N MET B 139 14.18 -13.78 -13.22
CA MET B 139 15.02 -14.63 -14.06
C MET B 139 14.86 -14.28 -15.53
N THR B 140 13.62 -14.04 -15.98
CA THR B 140 13.39 -13.75 -17.39
C THR B 140 13.86 -12.36 -17.77
N LEU B 141 14.10 -11.48 -16.79
CA LEU B 141 14.52 -10.12 -17.03
C LEU B 141 16.03 -9.97 -17.14
N ASN B 142 16.79 -10.94 -16.64
CA ASN B 142 18.24 -10.82 -16.63
C ASN B 142 18.83 -10.87 -18.03
N GLN B 143 19.78 -9.98 -18.29
CA GLN B 143 20.44 -9.92 -19.59
C GLN B 143 21.94 -10.18 -19.47
N GLY B 144 22.34 -11.04 -18.54
CA GLY B 144 23.71 -11.48 -18.41
C GLY B 144 24.45 -10.90 -17.21
N ASP B 145 23.92 -9.85 -16.60
CA ASP B 145 24.59 -9.25 -15.45
C ASP B 145 24.54 -10.19 -14.25
N MET B 146 25.53 -10.06 -13.38
CA MET B 146 25.54 -10.84 -12.15
CA MET B 146 25.55 -10.82 -12.14
C MET B 146 24.50 -10.27 -11.20
N MET B 147 23.50 -11.09 -10.86
CA MET B 147 22.41 -10.63 -10.02
C MET B 147 22.82 -10.59 -8.56
N THR B 148 22.25 -9.61 -7.84
CA THR B 148 22.46 -9.46 -6.41
C THR B 148 21.16 -8.98 -5.78
N MET B 149 20.99 -9.29 -4.51
CA MET B 149 19.94 -8.63 -3.74
C MET B 149 20.40 -7.21 -3.46
N PRO B 150 19.62 -6.19 -3.80
CA PRO B 150 20.11 -4.81 -3.69
C PRO B 150 20.03 -4.25 -2.28
N VAL B 151 20.91 -3.29 -2.01
CA VAL B 151 20.86 -2.50 -0.78
C VAL B 151 19.73 -1.47 -0.93
N PRO B 152 18.74 -1.44 -0.04
CA PRO B 152 17.70 -0.42 -0.12
C PRO B 152 18.12 0.90 0.52
N MET B 153 17.78 2.00 -0.15
CA MET B 153 17.85 3.30 0.48
C MET B 153 16.42 3.67 0.82
N MET B 154 16.16 3.84 2.11
CA MET B 154 14.81 3.82 2.66
C MET B 154 14.42 5.20 3.17
N ASN B 155 13.41 5.80 2.53
CA ASN B 155 13.05 7.20 2.72
C ASN B 155 12.09 7.32 3.91
N ILE B 156 12.66 7.44 5.12
CA ILE B 156 11.87 7.38 6.35
C ILE B 156 11.52 8.76 6.91
N LEU B 157 11.99 9.83 6.28
CA LEU B 157 11.49 11.17 6.64
C LEU B 157 11.27 11.93 5.35
N ASN B 158 9.99 12.22 5.02
CA ASN B 158 9.59 12.76 3.73
C ASN B 158 9.44 14.27 3.79
N GLY B 159 9.80 14.94 2.70
CA GLY B 159 9.67 16.38 2.61
C GLY B 159 9.37 16.82 1.18
N GLY B 160 9.62 18.09 0.89
CA GLY B 160 9.48 18.54 -0.49
C GLY B 160 8.08 18.30 -1.02
N ALA B 161 8.01 17.86 -2.27
CA ALA B 161 6.75 17.61 -2.96
C ALA B 161 5.95 16.44 -2.39
N HIS B 162 6.52 15.65 -1.49
CA HIS B 162 5.84 14.45 -0.98
C HIS B 162 5.13 14.67 0.34
N ALA B 163 5.18 15.87 0.90
CA ALA B 163 4.56 16.10 2.20
C ALA B 163 4.28 17.58 2.33
N ASP B 164 3.38 17.92 3.25
CA ASP B 164 2.98 19.31 3.44
C ASP B 164 3.67 19.95 4.64
N ASN B 165 4.86 19.48 4.97
CA ASN B 165 5.67 20.03 6.05
C ASN B 165 6.58 21.12 5.52
N ASN B 166 7.45 21.67 6.36
CA ASN B 166 8.35 22.73 5.91
C ASN B 166 9.67 22.18 5.33
N VAL B 167 9.77 20.86 5.13
CA VAL B 167 11.03 20.21 4.77
C VAL B 167 11.30 20.41 3.28
N ASP B 168 12.46 21.01 2.96
CA ASP B 168 12.79 21.32 1.57
C ASP B 168 13.36 20.11 0.85
N ILE B 169 14.32 19.41 1.47
CA ILE B 169 14.87 18.20 0.90
C ILE B 169 13.78 17.16 0.79
N GLN B 170 13.68 16.52 -0.37
CA GLN B 170 12.53 15.66 -0.62
C GLN B 170 12.60 14.37 0.19
N GLU B 171 13.80 13.78 0.31
CA GLU B 171 13.93 12.44 0.88
C GLU B 171 15.15 12.34 1.79
N PHE B 172 14.94 11.87 3.02
CA PHE B 172 16.03 11.52 3.92
C PHE B 172 16.04 10.01 4.07
N MET B 173 17.10 9.37 3.59
CA MET B 173 17.11 7.91 3.49
C MET B 173 18.21 7.30 4.34
N ILE B 174 17.91 6.12 4.89
CA ILE B 174 18.93 5.29 5.52
C ILE B 174 19.19 4.09 4.61
N MET B 175 20.43 3.61 4.66
CA MET B 175 20.87 2.47 3.86
C MET B 175 21.53 1.46 4.78
N PRO B 176 20.96 0.24 4.95
CA PRO B 176 21.55 -0.78 5.84
C PRO B 176 22.70 -1.51 5.18
N ILE B 177 23.76 -0.76 4.88
CA ILE B 177 24.84 -1.27 4.06
C ILE B 177 25.65 -2.35 4.78
N GLY B 178 25.64 -2.36 6.11
CA GLY B 178 26.39 -3.35 6.86
C GLY B 178 25.68 -4.64 7.12
N ALA B 179 24.45 -4.79 6.63
CA ALA B 179 23.69 -5.99 6.88
C ALA B 179 24.31 -7.19 6.16
N PRO B 180 24.16 -8.40 6.72
CA PRO B 180 24.76 -9.58 6.09
C PRO B 180 23.96 -10.17 4.94
N ASP B 181 22.66 -9.90 4.86
CA ASP B 181 21.81 -10.38 3.76
C ASP B 181 20.62 -9.45 3.67
N PHE B 182 19.74 -9.70 2.69
CA PHE B 182 18.65 -8.74 2.53
C PHE B 182 17.60 -8.81 3.64
N PRO B 183 17.17 -9.99 4.10
CA PRO B 183 16.18 -10.00 5.19
C PRO B 183 16.62 -9.24 6.42
N VAL B 184 17.89 -9.33 6.79
CA VAL B 184 18.39 -8.59 7.95
C VAL B 184 18.48 -7.10 7.63
N ALA B 185 18.83 -6.75 6.39
CA ALA B 185 18.81 -5.35 6.00
C ALA B 185 17.42 -4.76 6.18
N LEU B 186 16.39 -5.48 5.75
CA LEU B 186 15.02 -5.01 5.93
C LEU B 186 14.68 -4.87 7.41
N GLN B 187 15.04 -5.88 8.20
CA GLN B 187 14.83 -5.82 9.65
C GLN B 187 15.50 -4.59 10.27
N MET B 188 16.75 -4.33 9.91
CA MET B 188 17.47 -3.19 10.48
C MET B 188 16.75 -1.88 10.17
N GLY B 189 16.40 -1.66 8.89
CA GLY B 189 15.72 -0.43 8.53
C GLY B 189 14.36 -0.32 9.18
N THR B 190 13.64 -1.44 9.28
CA THR B 190 12.33 -1.44 9.92
C THR B 190 12.44 -1.05 11.40
N GLU B 191 13.41 -1.64 12.11
CA GLU B 191 13.57 -1.34 13.53
C GLU B 191 13.93 0.13 13.73
N ILE B 192 14.82 0.67 12.89
CA ILE B 192 15.14 2.08 12.94
C ILE B 192 13.90 2.92 12.68
N PHE B 193 13.09 2.52 11.70
CA PHE B 193 11.87 3.23 11.37
C PHE B 193 10.95 3.35 12.60
N HIS B 194 10.77 2.25 13.33
CA HIS B 194 9.87 2.30 14.48
C HIS B 194 10.48 3.08 15.64
N VAL B 195 11.79 3.01 15.83
CA VAL B 195 12.43 3.84 16.84
C VAL B 195 12.31 5.31 16.48
N LEU B 196 12.46 5.64 15.19
CA LEU B 196 12.31 7.03 14.79
C LEU B 196 10.93 7.55 15.12
N LYS B 197 9.90 6.71 14.95
CA LYS B 197 8.55 7.12 15.32
C LYS B 197 8.50 7.49 16.80
N SER B 198 9.14 6.69 17.66
CA SER B 198 9.14 7.01 19.09
CA SER B 198 9.13 7.02 19.08
C SER B 198 9.93 8.28 19.38
N VAL B 199 11.07 8.45 18.71
CA VAL B 199 11.89 9.65 18.92
C VAL B 199 11.09 10.90 18.59
N LEU B 200 10.44 10.90 17.43
CA LEU B 200 9.63 12.03 17.00
C LEU B 200 8.48 12.28 17.97
N LYS B 201 7.76 11.21 18.33
CA LYS B 201 6.60 11.33 19.19
C LYS B 201 6.98 11.96 20.54
N LYS B 202 8.15 11.59 21.08
CA LYS B 202 8.59 12.13 22.37
C LYS B 202 8.90 13.62 22.28
N GLN B 203 9.30 14.11 21.12
CA GLN B 203 9.56 15.52 20.90
C GLN B 203 8.33 16.29 20.42
N GLY B 204 7.17 15.64 20.35
CA GLY B 204 5.98 16.29 19.84
C GLY B 204 5.97 16.55 18.34
N LEU B 205 6.79 15.83 17.57
CA LEU B 205 6.83 16.02 16.12
C LEU B 205 5.91 15.04 15.43
N ASN B 206 5.42 15.44 14.26
CA ASN B 206 4.42 14.70 13.50
C ASN B 206 4.92 13.29 13.18
N THR B 207 4.08 12.28 13.47
CA THR B 207 4.40 10.91 13.04
C THR B 207 3.43 10.35 12.01
N ALA B 208 2.43 11.12 11.58
CA ALA B 208 1.75 10.79 10.34
C ALA B 208 2.74 10.84 9.18
N VAL B 209 2.43 10.15 8.08
CA VAL B 209 3.41 9.93 7.04
C VAL B 209 3.06 10.69 5.77
N GLY B 210 4.12 11.00 5.00
CA GLY B 210 3.99 11.55 3.67
C GLY B 210 3.82 10.48 2.62
N ASP B 211 3.95 10.90 1.35
CA ASP B 211 3.54 10.04 0.22
C ASP B 211 4.32 8.73 0.16
N GLU B 212 5.58 8.71 0.63
CA GLU B 212 6.39 7.50 0.52
C GLU B 212 6.55 6.78 1.86
N GLY B 213 5.74 7.14 2.86
CA GLY B 213 5.69 6.41 4.10
C GLY B 213 6.67 6.89 5.15
N GLY B 214 7.46 7.92 4.84
CA GLY B 214 8.30 8.52 5.84
C GLY B 214 7.52 9.53 6.67
N PHE B 215 7.95 9.72 7.92
CA PHE B 215 7.25 10.68 8.75
C PHE B 215 7.36 12.07 8.16
N ALA B 216 6.38 12.90 8.47
CA ALA B 216 6.34 14.23 7.88
C ALA B 216 6.38 15.34 8.92
N PRO B 217 7.37 15.37 9.82
CA PRO B 217 7.42 16.47 10.78
C PRO B 217 7.89 17.75 10.11
N ASN B 218 7.62 18.87 10.78
CA ASN B 218 8.36 20.09 10.52
C ASN B 218 9.71 20.01 11.21
N ILE B 219 10.74 20.54 10.56
CA ILE B 219 12.10 20.49 11.10
C ILE B 219 12.66 21.90 11.20
N GLN B 220 13.65 22.04 12.07
CA GLN B 220 14.32 23.33 12.22
C GLN B 220 15.42 23.53 11.19
N SER B 221 15.96 22.46 10.63
CA SER B 221 17.05 22.51 9.66
C SER B 221 17.24 21.11 9.12
N ASN B 222 17.85 21.02 7.93
CA ASN B 222 18.19 19.71 7.39
C ASN B 222 19.09 18.94 8.36
N ARG B 223 19.99 19.65 9.04
CA ARG B 223 20.84 18.99 10.03
C ARG B 223 20.01 18.35 11.16
N GLN B 224 18.91 19.01 11.58
CA GLN B 224 18.06 18.40 12.60
C GLN B 224 17.46 17.09 12.10
N ALA B 225 17.03 17.05 10.84
CA ALA B 225 16.51 15.81 10.30
C ALA B 225 17.54 14.70 10.38
N LEU B 226 18.78 15.00 9.97
CA LEU B 226 19.87 14.03 10.03
C LEU B 226 20.22 13.68 11.48
N ASP B 227 20.09 14.63 12.41
CA ASP B 227 20.30 14.32 13.82
C ASP B 227 19.22 13.39 14.35
N LEU B 228 17.97 13.62 13.96
CA LEU B 228 16.89 12.77 14.42
C LEU B 228 17.06 11.34 13.92
N LEU B 229 17.40 11.17 12.64
CA LEU B 229 17.69 9.84 12.13
C LEU B 229 18.87 9.22 12.86
N SER B 230 19.92 10.00 13.10
CA SER B 230 21.07 9.49 13.83
C SER B 230 20.67 9.01 15.23
N GLU B 231 19.82 9.79 15.91
CA GLU B 231 19.34 9.38 17.22
C GLU B 231 18.60 8.05 17.14
N ALA B 232 17.76 7.87 16.12
CA ALA B 232 16.98 6.63 15.98
C ALA B 232 17.90 5.45 15.69
N ILE B 233 18.91 5.65 14.84
CA ILE B 233 19.88 4.60 14.54
C ILE B 233 20.58 4.15 15.81
N GLU B 234 21.04 5.12 16.61
CA GLU B 234 21.75 4.79 17.85
C GLU B 234 20.83 4.06 18.84
N LYS B 235 19.60 4.56 19.01
CA LYS B 235 18.70 3.94 19.99
C LYS B 235 18.24 2.55 19.54
N ALA B 236 18.19 2.31 18.23
CA ALA B 236 17.91 0.97 17.72
C ALA B 236 19.10 0.03 17.86
N GLY B 237 20.25 0.53 18.29
CA GLY B 237 21.39 -0.32 18.56
C GLY B 237 22.36 -0.50 17.40
N PHE B 238 22.25 0.30 16.35
CA PHE B 238 23.08 0.15 15.17
C PHE B 238 24.12 1.26 15.11
N ARG B 239 25.17 1.03 14.32
CA ARG B 239 26.32 1.93 14.26
C ARG B 239 26.23 2.79 13.00
N LEU B 240 26.33 4.11 13.19
CA LEU B 240 26.47 5.02 12.05
C LEU B 240 27.73 4.69 11.27
N GLY B 241 27.60 4.59 9.95
CA GLY B 241 28.75 4.32 9.11
C GLY B 241 28.99 2.84 8.91
N GLU B 242 29.19 2.11 10.01
CA GLU B 242 29.41 0.67 9.92
C GLU B 242 28.15 -0.06 9.50
N ASP B 243 27.02 0.21 10.16
CA ASP B 243 25.78 -0.47 9.81
C ASP B 243 24.94 0.33 8.84
N ILE B 244 24.76 1.61 9.12
CA ILE B 244 23.79 2.46 8.43
C ILE B 244 24.51 3.68 7.89
N VAL B 245 24.20 4.06 6.65
CA VAL B 245 24.67 5.31 6.06
C VAL B 245 23.46 6.04 5.47
N PHE B 246 23.67 7.29 5.07
CA PHE B 246 22.60 8.16 4.64
C PHE B 246 22.63 8.36 3.13
N ALA B 247 21.46 8.53 2.55
CA ALA B 247 21.31 8.97 1.18
C ALA B 247 20.26 10.07 1.16
N LEU B 248 20.41 11.03 0.25
CA LEU B 248 19.47 12.13 0.14
C LEU B 248 18.96 12.20 -1.28
N ASP B 249 17.69 12.59 -1.41
CA ASP B 249 17.15 13.08 -2.67
C ASP B 249 16.74 14.53 -2.42
N VAL B 250 17.55 15.46 -2.92
CA VAL B 250 17.25 16.88 -2.73
C VAL B 250 16.12 17.32 -3.66
N ALA B 251 16.00 16.69 -4.83
CA ALA B 251 15.06 17.13 -5.85
C ALA B 251 15.21 18.64 -6.09
N ALA B 252 16.44 19.05 -6.37
CA ALA B 252 16.80 20.47 -6.33
C ALA B 252 16.11 21.29 -7.43
N SER B 253 15.66 20.65 -8.51
CA SER B 253 14.88 21.40 -9.49
C SER B 253 13.64 22.03 -8.87
N GLU B 254 13.11 21.41 -7.80
CA GLU B 254 11.94 21.96 -7.10
C GLU B 254 12.30 23.19 -6.27
N LEU B 255 13.58 23.35 -5.93
CA LEU B 255 14.02 24.48 -5.11
C LEU B 255 14.66 25.59 -5.91
N PHE B 256 14.88 25.36 -7.20
CA PHE B 256 15.58 26.32 -8.05
C PHE B 256 14.59 27.33 -8.61
N ASN B 257 14.86 28.61 -8.38
CA ASN B 257 14.01 29.68 -8.90
C ASN B 257 14.84 30.93 -9.03
N GLU B 258 14.76 31.59 -10.18
CA GLU B 258 15.36 32.91 -10.38
C GLU B 258 16.88 32.85 -10.18
N GLY B 259 17.50 31.83 -10.75
CA GLY B 259 18.94 31.69 -10.64
C GLY B 259 19.46 31.27 -9.29
N PHE B 260 18.59 30.92 -8.34
CA PHE B 260 19.04 30.52 -7.01
C PHE B 260 18.30 29.28 -6.52
N TYR B 261 18.97 28.53 -5.65
CA TYR B 261 18.38 27.42 -4.92
C TYR B 261 17.91 27.91 -3.54
N HIS B 262 16.66 27.63 -3.20
CA HIS B 262 16.04 28.19 -2.03
C HIS B 262 15.82 27.12 -0.98
N MET B 263 16.49 27.24 0.15
CA MET B 263 16.27 26.37 1.30
C MET B 263 15.36 27.15 2.25
N TYR B 264 14.07 27.17 1.89
CA TYR B 264 13.12 28.04 2.57
C TYR B 264 13.08 27.73 4.07
N SER B 265 13.18 26.44 4.43
CA SER B 265 13.14 26.07 5.84
C SER B 265 14.25 26.76 6.63
N GLU B 266 15.36 27.09 5.98
CA GLU B 266 16.52 27.67 6.66
C GLU B 266 16.73 29.13 6.29
N ASN B 267 15.76 29.75 5.63
CA ASN B 267 15.86 31.12 5.10
C ASN B 267 17.20 31.36 4.41
N GLN B 268 17.56 30.43 3.55
CA GLN B 268 18.83 30.45 2.82
C GLN B 268 18.55 30.42 1.33
N LYS B 269 19.38 31.10 0.57
CA LYS B 269 19.31 31.11 -0.88
C LYS B 269 20.74 30.94 -1.40
N PHE B 270 20.98 29.88 -2.19
CA PHE B 270 22.32 29.46 -2.61
C PHE B 270 22.49 29.61 -4.11
N ASP B 271 23.64 30.15 -4.55
CA ASP B 271 24.01 29.87 -5.92
C ASP B 271 24.57 28.44 -6.00
N SER B 272 24.82 27.98 -7.24
CA SER B 272 25.28 26.62 -7.43
CA SER B 272 25.28 26.60 -7.43
C SER B 272 26.54 26.33 -6.62
N HIS B 273 27.51 27.25 -6.68
CA HIS B 273 28.76 27.10 -5.95
C HIS B 273 28.52 26.94 -4.46
N GLN B 274 27.63 27.78 -3.90
CA GLN B 274 27.37 27.73 -2.46
C GLN B 274 26.66 26.46 -2.07
N LEU B 275 25.79 25.93 -2.94
CA LEU B 275 25.11 24.68 -2.60
C LEU B 275 26.07 23.50 -2.64
N ILE B 276 27.03 23.50 -3.57
CA ILE B 276 28.07 22.47 -3.55
C ILE B 276 28.81 22.52 -2.22
N GLU B 277 29.20 23.72 -1.79
CA GLU B 277 29.88 23.87 -0.50
C GLU B 277 28.99 23.39 0.64
N TYR B 278 27.70 23.74 0.59
CA TYR B 278 26.73 23.24 1.56
C TYR B 278 26.75 21.71 1.66
N TYR B 279 26.73 21.02 0.52
CA TYR B 279 26.80 19.56 0.55
C TYR B 279 28.13 19.06 1.08
N ALA B 280 29.24 19.71 0.70
CA ALA B 280 30.54 19.26 1.20
C ALA B 280 30.56 19.30 2.72
N ASN B 281 29.93 20.32 3.32
CA ASN B 281 29.91 20.44 4.77
C ASN B 281 29.00 19.39 5.41
N LEU B 282 27.84 19.11 4.79
CA LEU B 282 27.00 18.02 5.28
C LEU B 282 27.75 16.69 5.26
N ILE B 283 28.46 16.43 4.16
CA ILE B 283 29.20 15.17 4.02
C ILE B 283 30.30 15.07 5.05
N SER B 284 30.91 16.19 5.42
CA SER B 284 31.94 16.11 6.45
C SER B 284 31.35 15.91 7.84
N SER B 285 30.04 16.14 8.03
CA SER B 285 29.40 16.00 9.34
C SER B 285 28.58 14.72 9.50
N TYR B 286 28.21 14.06 8.42
CA TYR B 286 27.34 12.90 8.46
C TYR B 286 27.80 11.91 7.39
N PRO B 287 27.56 10.61 7.60
CA PRO B 287 27.97 9.58 6.60
C PRO B 287 26.99 9.51 5.44
N ILE B 288 26.90 10.59 4.69
CA ILE B 288 26.07 10.66 3.49
C ILE B 288 26.90 10.09 2.36
N VAL B 289 26.46 8.95 1.81
CA VAL B 289 27.21 8.30 0.72
C VAL B 289 26.61 8.56 -0.65
N SER B 290 25.43 9.17 -0.73
CA SER B 290 24.74 9.35 -2.00
C SER B 290 23.87 10.59 -1.93
N ILE B 291 23.96 11.43 -2.96
CA ILE B 291 23.11 12.62 -3.09
C ILE B 291 22.47 12.59 -4.46
N GLU B 292 21.16 12.52 -4.50
CA GLU B 292 20.38 12.51 -5.73
C GLU B 292 19.86 13.90 -6.04
N ASP B 293 19.98 14.31 -7.30
CA ASP B 293 19.50 15.62 -7.76
C ASP B 293 19.88 16.74 -6.79
N GLY B 294 21.17 16.77 -6.43
CA GLY B 294 21.67 17.86 -5.62
C GLY B 294 21.57 19.21 -6.29
N LEU B 295 21.48 19.23 -7.61
CA LEU B 295 21.38 20.46 -8.38
C LEU B 295 20.27 20.31 -9.42
N ASP B 296 19.89 21.44 -10.00
CA ASP B 296 18.77 21.53 -10.92
C ASP B 296 19.06 20.77 -12.21
N GLU B 297 17.98 20.27 -12.83
CA GLU B 297 18.08 19.44 -14.03
C GLU B 297 18.72 20.17 -15.21
N LYS B 298 18.74 21.51 -15.20
CA LYS B 298 19.37 22.28 -16.27
C LYS B 298 20.74 22.84 -15.88
N ASP B 299 21.16 22.65 -14.62
CA ASP B 299 22.39 23.27 -14.13
C ASP B 299 23.58 22.36 -14.47
N TRP B 300 23.87 22.25 -15.76
CA TRP B 300 24.87 21.27 -16.17
C TRP B 300 26.27 21.71 -15.76
N SER B 301 26.55 23.01 -15.80
CA SER B 301 27.85 23.46 -15.30
C SER B 301 27.98 23.20 -13.81
N GLY B 302 26.89 23.40 -13.06
CA GLY B 302 26.92 23.10 -11.64
C GLY B 302 27.14 21.62 -11.38
N TRP B 303 26.43 20.77 -12.13
CA TRP B 303 26.59 19.32 -11.98
C TRP B 303 28.02 18.89 -12.28
N LYS B 304 28.64 19.45 -13.32
CA LYS B 304 30.03 19.12 -13.62
C LYS B 304 30.94 19.49 -12.44
N GLN B 305 30.78 20.72 -11.92
CA GLN B 305 31.57 21.14 -10.77
C GLN B 305 31.34 20.25 -9.57
N LEU B 306 30.08 19.91 -9.31
CA LEU B 306 29.75 19.02 -8.20
C LEU B 306 30.43 17.67 -8.36
N THR B 307 30.45 17.16 -9.59
CA THR B 307 31.03 15.84 -9.83
C THR B 307 32.55 15.87 -9.66
N THR B 308 33.21 16.89 -10.21
CA THR B 308 34.66 16.97 -10.00
CA THR B 308 34.65 17.01 -10.01
C THR B 308 34.99 17.21 -8.54
N HIS B 309 34.21 18.02 -7.84
CA HIS B 309 34.59 18.37 -6.48
C HIS B 309 34.26 17.27 -5.47
N LEU B 310 33.10 16.61 -5.60
CA LEU B 310 32.67 15.63 -4.61
C LEU B 310 32.44 14.24 -5.15
N GLY B 311 32.55 14.02 -6.47
CA GLY B 311 32.20 12.73 -7.04
C GLY B 311 33.09 11.58 -6.59
N ASN B 312 34.34 11.89 -6.21
CA ASN B 312 35.22 10.86 -5.65
C ASN B 312 34.80 10.45 -4.25
N LYS B 313 34.05 11.29 -3.55
CA LYS B 313 33.71 11.04 -2.16
C LYS B 313 32.28 10.52 -1.95
N VAL B 314 31.40 10.73 -2.93
CA VAL B 314 29.97 10.48 -2.74
C VAL B 314 29.40 10.04 -4.08
N GLN B 315 28.35 9.22 -4.02
CA GLN B 315 27.60 8.89 -5.21
C GLN B 315 26.70 10.07 -5.56
N LEU B 316 26.65 10.42 -6.85
CA LEU B 316 25.89 11.57 -7.30
C LEU B 316 24.88 11.07 -8.33
N VAL B 317 23.61 11.02 -7.94
CA VAL B 317 22.57 10.35 -8.71
C VAL B 317 21.81 11.37 -9.51
N GLY B 318 21.84 11.23 -10.84
CA GLY B 318 20.95 11.99 -11.68
C GLY B 318 19.57 11.37 -11.75
N ASP B 319 18.54 12.13 -11.38
CA ASP B 319 17.16 11.65 -11.50
C ASP B 319 16.46 12.47 -12.58
N ASP B 320 15.95 13.65 -12.23
CA ASP B 320 15.48 14.58 -13.24
C ASP B 320 16.57 14.96 -14.24
N LEU B 321 17.82 14.86 -13.82
CA LEU B 321 18.94 15.19 -14.70
C LEU B 321 18.94 14.33 -15.95
N PHE B 322 18.62 13.04 -15.80
CA PHE B 322 18.75 12.07 -16.88
C PHE B 322 17.41 11.53 -17.35
N VAL B 323 16.39 11.53 -16.49
CA VAL B 323 15.07 10.94 -16.69
C VAL B 323 15.14 9.62 -17.44
N THR B 324 16.03 8.72 -16.98
CA THR B 324 16.10 7.34 -17.48
C THR B 324 16.16 7.33 -19.01
N ASN B 325 16.81 8.34 -19.57
CA ASN B 325 16.75 8.58 -21.01
C ASN B 325 18.13 8.35 -21.62
N PRO B 326 18.29 7.32 -22.47
CA PRO B 326 19.63 7.03 -23.02
C PRO B 326 20.28 8.20 -23.72
N LYS B 327 19.53 8.99 -24.49
CA LYS B 327 20.12 10.12 -25.20
C LYS B 327 20.69 11.13 -24.20
N ILE B 328 19.93 11.44 -23.15
CA ILE B 328 20.40 12.43 -22.18
C ILE B 328 21.55 11.86 -21.36
N LEU B 329 21.45 10.60 -20.94
CA LEU B 329 22.54 9.99 -20.17
C LEU B 329 23.84 9.99 -20.97
N ARG B 330 23.74 9.68 -22.26
CA ARG B 330 24.92 9.71 -23.13
C ARG B 330 25.57 11.08 -23.13
N GLU B 331 24.77 12.15 -23.22
CA GLU B 331 25.36 13.49 -23.18
C GLU B 331 25.98 13.76 -21.82
N GLY B 332 25.34 13.30 -20.74
CA GLY B 332 25.89 13.51 -19.42
C GLY B 332 27.19 12.75 -19.21
N ILE B 333 27.27 11.52 -19.75
CA ILE B 333 28.50 10.74 -19.64
C ILE B 333 29.62 11.44 -20.38
N ALA B 334 29.34 11.95 -21.58
CA ALA B 334 30.35 12.64 -22.36
C ALA B 334 30.87 13.88 -21.63
N GLN B 335 29.98 14.61 -20.97
CA GLN B 335 30.39 15.82 -20.26
C GLN B 335 30.92 15.55 -18.86
N GLY B 336 30.84 14.32 -18.38
CA GLY B 336 31.38 13.98 -17.08
C GLY B 336 30.54 14.41 -15.90
N ILE B 337 29.22 14.38 -16.02
CA ILE B 337 28.35 14.82 -14.94
C ILE B 337 27.68 13.61 -14.30
N ALA B 338 27.65 13.65 -12.97
CA ALA B 338 27.11 12.61 -12.09
C ALA B 338 27.95 11.33 -12.18
N ASN B 339 27.64 10.34 -11.35
CA ASN B 339 28.29 9.04 -11.49
C ASN B 339 27.28 7.92 -11.24
N ALA B 340 25.99 8.24 -11.26
CA ALA B 340 24.94 7.26 -11.05
C ALA B 340 23.66 7.80 -11.67
N ILE B 341 22.74 6.89 -11.99
CA ILE B 341 21.46 7.26 -12.57
C ILE B 341 20.35 6.53 -11.82
N LEU B 342 19.27 7.27 -11.53
CA LEU B 342 18.08 6.71 -10.93
C LEU B 342 17.20 6.14 -12.04
N ILE B 343 16.89 4.84 -11.97
CA ILE B 343 16.21 4.15 -13.05
C ILE B 343 14.71 4.12 -12.76
N LYS B 344 13.94 4.88 -13.53
CA LYS B 344 12.49 4.96 -13.39
C LYS B 344 11.87 4.62 -14.75
N VAL B 345 11.30 3.42 -14.84
CA VAL B 345 10.76 2.95 -16.12
C VAL B 345 9.78 3.95 -16.73
N ASN B 346 8.96 4.61 -15.90
CA ASN B 346 7.94 5.48 -16.47
C ASN B 346 8.47 6.87 -16.84
N GLN B 347 9.74 7.15 -16.55
CA GLN B 347 10.38 8.34 -17.11
C GLN B 347 10.66 8.20 -18.61
N ILE B 348 10.75 6.98 -19.13
CA ILE B 348 11.12 6.77 -20.53
C ILE B 348 10.06 5.99 -21.29
N GLY B 349 9.41 5.02 -20.66
CA GLY B 349 8.22 4.43 -21.23
C GLY B 349 8.30 2.98 -21.69
N THR B 350 9.49 2.40 -21.83
CA THR B 350 9.57 0.99 -22.20
C THR B 350 10.63 0.29 -21.38
N LEU B 351 10.46 -1.03 -21.23
CA LEU B 351 11.50 -1.86 -20.63
C LEU B 351 12.78 -1.80 -21.46
N SER B 352 12.65 -1.81 -22.79
CA SER B 352 13.83 -1.89 -23.65
C SER B 352 14.68 -0.65 -23.54
N GLU B 353 14.05 0.53 -23.54
CA GLU B 353 14.81 1.78 -23.40
C GLU B 353 15.40 1.92 -22.00
N THR B 354 14.66 1.49 -20.98
CA THR B 354 15.24 1.41 -19.64
C THR B 354 16.50 0.57 -19.65
N ARG B 355 16.46 -0.59 -20.32
CA ARG B 355 17.62 -1.47 -20.43
C ARG B 355 18.76 -0.78 -21.16
N GLN B 356 18.46 0.01 -22.20
CA GLN B 356 19.51 0.78 -22.87
C GLN B 356 20.23 1.69 -21.90
N ALA B 357 19.46 2.41 -21.08
CA ALA B 357 20.06 3.33 -20.13
C ALA B 357 20.92 2.57 -19.13
N ILE B 358 20.44 1.43 -18.66
CA ILE B 358 21.22 0.62 -17.72
C ILE B 358 22.54 0.19 -18.35
N LYS B 359 22.48 -0.31 -19.59
CA LYS B 359 23.70 -0.74 -20.26
C LYS B 359 24.67 0.41 -20.47
N LEU B 360 24.17 1.58 -20.86
CA LEU B 360 25.03 2.73 -21.07
C LEU B 360 25.70 3.17 -19.77
N ALA B 361 24.97 3.10 -18.65
CA ALA B 361 25.56 3.39 -17.34
C ALA B 361 26.65 2.39 -16.99
N TYR B 362 26.34 1.09 -17.07
CA TYR B 362 27.31 0.06 -16.68
C TYR B 362 28.59 0.17 -17.50
N ASP B 363 28.45 0.36 -18.82
CA ASP B 363 29.61 0.39 -19.70
C ASP B 363 30.52 1.58 -19.45
N ASN B 364 30.02 2.59 -18.73
CA ASN B 364 30.77 3.82 -18.53
C ASN B 364 30.99 4.12 -17.05
N GLY B 365 30.88 3.09 -16.21
CA GLY B 365 31.22 3.24 -14.81
C GLY B 365 30.21 3.94 -13.94
N TYR B 366 28.98 4.12 -14.41
CA TYR B 366 27.92 4.70 -13.60
C TYR B 366 27.15 3.60 -12.88
N ARG B 367 26.77 3.87 -11.63
CA ARG B 367 25.88 2.94 -10.94
C ARG B 367 24.42 3.26 -11.28
N CYS B 368 23.56 2.25 -11.11
CA CYS B 368 22.13 2.39 -11.32
C CYS B 368 21.41 2.15 -10.00
N VAL B 369 20.47 3.03 -9.67
CA VAL B 369 19.58 2.85 -8.52
C VAL B 369 18.18 2.63 -9.07
N MET B 370 17.65 1.43 -8.89
CA MET B 370 16.29 1.11 -9.33
C MET B 370 15.29 1.79 -8.40
N SER B 371 14.25 2.41 -8.99
CA SER B 371 13.45 3.38 -8.23
C SER B 371 11.95 3.24 -8.47
N HIS B 372 11.19 3.47 -7.41
CA HIS B 372 9.76 3.69 -7.47
C HIS B 372 9.46 5.13 -7.95
N ARG B 373 8.19 5.48 -8.04
CA ARG B 373 7.76 6.88 -7.99
C ARG B 373 7.05 7.12 -6.67
N SER B 374 6.86 8.39 -6.34
CA SER B 374 6.12 8.73 -5.13
C SER B 374 4.67 8.29 -5.24
N GLY B 375 4.10 8.25 -6.44
CA GLY B 375 2.80 7.62 -6.63
C GLY B 375 2.96 6.18 -7.10
N GLU B 376 2.75 5.22 -6.21
CA GLU B 376 3.00 3.83 -6.55
C GLU B 376 1.69 3.07 -6.75
N THR B 377 1.82 1.83 -7.20
CA THR B 377 0.71 0.88 -7.22
C THR B 377 1.14 -0.39 -6.52
N GLU B 378 0.24 -1.38 -6.52
CA GLU B 378 0.57 -2.68 -5.97
C GLU B 378 1.58 -3.44 -6.82
N ASP B 379 1.93 -2.93 -7.99
CA ASP B 379 2.87 -3.64 -8.86
C ASP B 379 4.26 -3.66 -8.24
N THR B 380 4.91 -4.83 -8.25
CA THR B 380 6.24 -4.97 -7.67
C THR B 380 7.32 -5.20 -8.73
N PHE B 381 7.06 -4.79 -9.98
CA PHE B 381 8.01 -5.02 -11.07
C PHE B 381 9.43 -4.60 -10.69
N ILE B 382 9.59 -3.45 -10.03
CA ILE B 382 10.94 -2.94 -9.82
C ILE B 382 11.74 -3.80 -8.86
N ALA B 383 11.09 -4.60 -8.01
CA ALA B 383 11.84 -5.56 -7.19
C ALA B 383 12.54 -6.57 -8.07
N ASP B 384 11.81 -7.19 -9.02
CA ASP B 384 12.41 -8.16 -9.91
C ASP B 384 13.45 -7.52 -10.81
N LEU B 385 13.18 -6.30 -11.28
CA LEU B 385 14.12 -5.63 -12.17
C LEU B 385 15.40 -5.22 -11.43
N ALA B 386 15.29 -4.77 -10.17
CA ALA B 386 16.49 -4.45 -9.40
C ALA B 386 17.40 -5.67 -9.29
N VAL B 387 16.84 -6.81 -8.90
CA VAL B 387 17.63 -8.02 -8.79
C VAL B 387 18.20 -8.42 -10.14
N ALA B 388 17.34 -8.47 -11.18
CA ALA B 388 17.77 -8.98 -12.48
C ALA B 388 18.90 -8.17 -13.07
N SER B 389 18.83 -6.85 -12.91
CA SER B 389 19.83 -5.96 -13.49
C SER B 389 21.14 -6.01 -12.73
N GLY B 390 21.16 -6.54 -11.51
CA GLY B 390 22.38 -6.55 -10.73
C GLY B 390 22.84 -5.18 -10.29
N CYS B 391 21.96 -4.17 -10.34
CA CYS B 391 22.36 -2.80 -10.03
C CYS B 391 22.81 -2.64 -8.58
N GLY B 392 22.35 -3.49 -7.67
CA GLY B 392 22.81 -3.49 -6.29
C GLY B 392 22.21 -2.45 -5.37
N GLN B 393 21.36 -1.55 -5.88
CA GLN B 393 20.71 -0.54 -5.05
C GLN B 393 19.26 -0.37 -5.50
N ILE B 394 18.36 -0.20 -4.54
CA ILE B 394 16.97 0.05 -4.84
C ILE B 394 16.47 1.18 -3.95
N LYS B 395 15.62 2.03 -4.51
CA LYS B 395 14.95 3.08 -3.74
C LYS B 395 13.45 2.83 -3.88
N THR B 396 12.82 2.27 -2.84
CA THR B 396 11.40 1.96 -3.00
C THR B 396 10.56 2.26 -1.76
N GLY B 397 11.04 3.13 -0.88
CA GLY B 397 10.18 3.80 0.07
C GLY B 397 10.57 3.54 1.52
N SER B 398 9.78 4.14 2.40
CA SER B 398 9.89 3.89 3.83
C SER B 398 9.41 2.48 4.15
N LEU B 399 9.36 2.14 5.44
CA LEU B 399 8.98 0.82 5.86
C LEU B 399 7.51 0.74 6.26
N CYS B 400 6.69 1.67 5.79
CA CYS B 400 5.25 1.53 5.94
C CYS B 400 4.59 1.98 4.65
N ARG B 401 3.31 1.62 4.51
CA ARG B 401 2.50 1.78 3.30
C ARG B 401 2.80 0.64 2.35
N THR B 402 1.78 -0.16 2.02
CA THR B 402 2.00 -1.32 1.17
C THR B 402 2.49 -0.93 -0.22
N ASP B 403 2.23 0.30 -0.67
CA ASP B 403 2.85 0.76 -1.91
C ASP B 403 4.37 0.64 -1.87
N ARG B 404 4.96 0.64 -0.68
CA ARG B 404 6.38 0.43 -0.49
C ARG B 404 6.69 -0.97 0.00
N THR B 405 6.02 -1.43 1.06
CA THR B 405 6.35 -2.73 1.63
C THR B 405 6.11 -3.87 0.65
N ALA B 406 5.20 -3.69 -0.32
CA ALA B 406 4.99 -4.76 -1.29
C ALA B 406 6.25 -5.06 -2.09
N LYS B 407 7.07 -4.03 -2.36
CA LYS B 407 8.32 -4.28 -3.05
C LYS B 407 9.31 -5.00 -2.14
N TYR B 408 9.40 -4.57 -0.88
CA TYR B 408 10.28 -5.25 0.06
C TYR B 408 9.87 -6.71 0.23
N ASN B 409 8.56 -6.97 0.28
CA ASN B 409 8.08 -8.35 0.40
C ASN B 409 8.43 -9.16 -0.83
N GLN B 410 8.33 -8.56 -2.03
CA GLN B 410 8.69 -9.30 -3.23
C GLN B 410 10.19 -9.65 -3.23
N LEU B 411 11.02 -8.76 -2.68
CA LEU B 411 12.44 -9.07 -2.55
C LEU B 411 12.66 -10.24 -1.57
N LEU B 412 11.90 -10.28 -0.47
CA LEU B 412 11.97 -11.43 0.43
C LEU B 412 11.61 -12.73 -0.28
N ARG B 413 10.56 -12.69 -1.12
CA ARG B 413 10.18 -13.89 -1.87
C ARG B 413 11.28 -14.30 -2.84
N ILE B 414 11.84 -13.32 -3.57
CA ILE B 414 12.93 -13.63 -4.50
C ILE B 414 14.11 -14.24 -3.75
N ASN B 415 14.45 -13.68 -2.59
CA ASN B 415 15.59 -14.15 -1.82
C ASN B 415 15.45 -15.61 -1.39
N GLU B 416 14.22 -16.15 -1.36
CA GLU B 416 14.02 -17.53 -0.89
C GLU B 416 14.74 -18.54 -1.78
N LEU B 417 14.53 -18.45 -3.10
CA LEU B 417 15.10 -19.44 -4.00
C LEU B 417 16.20 -18.90 -4.90
N ALA B 418 16.57 -17.62 -4.79
CA ALA B 418 17.50 -17.04 -5.75
C ALA B 418 18.95 -17.39 -5.43
N SER B 419 19.27 -17.64 -4.16
CA SER B 419 20.64 -17.94 -3.74
C SER B 419 21.61 -16.90 -4.30
N LEU B 420 21.39 -15.65 -3.90
CA LEU B 420 22.14 -14.53 -4.44
C LEU B 420 22.82 -13.75 -3.32
N PRO B 421 23.97 -13.14 -3.60
CA PRO B 421 24.62 -12.33 -2.57
C PRO B 421 23.86 -11.04 -2.33
N TYR B 422 24.11 -10.46 -1.16
CA TYR B 422 23.64 -9.12 -0.83
C TYR B 422 24.72 -8.12 -1.27
N ALA B 423 24.32 -7.11 -2.04
CA ALA B 423 25.30 -6.17 -2.59
C ALA B 423 26.12 -5.51 -1.50
N GLY B 424 25.49 -5.18 -0.37
CA GLY B 424 26.20 -4.68 0.80
C GLY B 424 27.06 -3.48 0.50
N LYS B 425 28.29 -3.49 1.03
CA LYS B 425 29.17 -2.35 0.92
C LYS B 425 29.84 -2.23 -0.44
N ASN B 426 29.72 -3.25 -1.30
CA ASN B 426 30.26 -3.18 -2.65
C ASN B 426 29.68 -2.02 -3.45
N ILE B 427 28.58 -1.44 -3.00
CA ILE B 427 27.90 -0.38 -3.74
C ILE B 427 28.64 0.94 -3.58
N LEU B 428 29.75 0.93 -2.84
CA LEU B 428 30.51 2.15 -2.58
C LEU B 428 31.63 2.35 -3.61
MG MG C . -13.31 -1.22 14.49
MG MG D . -10.27 -2.14 16.24
P PO4 E . -8.31 -2.22 13.74
O1 PO4 E . -8.98 -2.96 14.88
O2 PO4 E . -7.93 -3.13 12.60
O3 PO4 E . -9.27 -1.22 13.14
O4 PO4 E . -7.07 -1.54 14.27
MG MG F . 14.07 11.96 -7.19
MG MG G . 11.10 13.57 -8.56
P PO4 H . 9.00 11.34 -7.50
O1 PO4 H . 7.84 12.14 -6.98
O2 PO4 H . 8.50 9.95 -7.93
O3 PO4 H . 10.03 11.08 -6.43
O4 PO4 H . 9.61 12.04 -8.68
#